data_2QWW
#
_entry.id   2QWW
#
_cell.length_a   48.250
_cell.length_b   159.700
_cell.length_c   90.270
_cell.angle_alpha   90.000
_cell.angle_beta   103.260
_cell.angle_gamma   90.000
#
_symmetry.space_group_name_H-M   'P 1 21 1'
#
loop_
_entity.id
_entity.type
_entity.pdbx_description
1 polymer 'Transcriptional regulator, MarR family'
2 water water
#
_entity_poly.entity_id   1
_entity_poly.type   'polypeptide(L)'
_entity_poly.pdbx_seq_one_letter_code
;G(MSE)VGINTDTENISELLKTYWSIQRISAGYADQNAASLGLTIQQLA(MSE)INVIYSTPGISVADLTKRLIITGSSA
AANVDGLISLGLVVKLNKTIPNDS(MSE)DLTLKLSKKGEDLSKRSTANAF(MSE)YKA(MSE)(MSE)KVFENLTENEI
EELIRLNKKVETLLKKSK
;
_entity_poly.pdbx_strand_id   A,B,C,D,E,F,G,H
#
# COMPACT_ATOMS: atom_id res chain seq x y z
N ASN A 6 41.07 3.17 -44.27
CA ASN A 6 40.17 3.24 -43.08
C ASN A 6 39.98 4.66 -42.57
N THR A 7 38.77 4.94 -42.08
CA THR A 7 38.45 6.21 -41.42
C THR A 7 38.95 6.10 -39.96
N ASP A 8 39.23 7.22 -39.30
CA ASP A 8 39.73 7.17 -37.92
C ASP A 8 38.82 6.40 -36.99
N THR A 9 37.52 6.53 -37.19
CA THR A 9 36.55 5.78 -36.42
C THR A 9 36.73 4.27 -36.60
N GLU A 10 37.05 3.85 -37.83
CA GLU A 10 37.27 2.44 -38.10
C GLU A 10 38.57 1.98 -37.47
N ASN A 11 39.60 2.82 -37.48
CA ASN A 11 40.87 2.48 -36.85
C ASN A 11 40.79 2.40 -35.32
N ILE A 12 40.02 3.28 -34.71
CA ILE A 12 39.81 3.26 -33.26
C ILE A 12 39.12 1.94 -32.90
N SER A 13 38.07 1.60 -33.63
CA SER A 13 37.34 0.35 -33.41
C SER A 13 38.24 -0.87 -33.50
N GLU A 14 39.07 -0.90 -34.53
CA GLU A 14 40.02 -1.98 -34.75
C GLU A 14 40.99 -2.13 -33.59
N LEU A 15 41.53 -1.01 -33.13
CA LEU A 15 42.47 -1.02 -32.02
C LEU A 15 41.77 -1.50 -30.75
N LEU A 16 40.62 -0.93 -30.44
CA LEU A 16 39.88 -1.29 -29.24
C LEU A 16 39.47 -2.75 -29.20
N LYS A 17 39.05 -3.27 -30.35
CA LYS A 17 38.75 -4.70 -30.48
C LYS A 17 39.97 -5.57 -30.27
N THR A 18 41.12 -5.12 -30.76
CA THR A 18 42.36 -5.90 -30.63
C THR A 18 42.80 -5.92 -29.18
N TYR A 19 42.83 -4.76 -28.55
CA TYR A 19 43.15 -4.67 -27.12
C TYR A 19 42.22 -5.54 -26.27
N TRP A 20 40.94 -5.49 -26.56
CA TRP A 20 39.94 -6.29 -25.87
C TRP A 20 40.23 -7.77 -26.02
N SER A 21 40.55 -8.18 -27.24
CA SER A 21 40.86 -9.56 -27.54
C SER A 21 42.13 -10.07 -26.84
N ILE A 22 43.15 -9.22 -26.78
CA ILE A 22 44.40 -9.55 -26.06
C ILE A 22 44.14 -9.67 -24.54
N GLN A 23 43.25 -8.84 -24.03
CA GLN A 23 42.89 -8.87 -22.63
C GLN A 23 42.11 -10.17 -22.35
N ARG A 24 41.28 -10.60 -23.30
CA ARG A 24 40.54 -11.83 -23.19
C ARG A 24 41.49 -13.04 -23.12
N ILE A 25 42.55 -13.01 -23.94
CA ILE A 25 43.56 -14.07 -23.94
C ILE A 25 44.40 -14.04 -22.69
N SER A 26 44.72 -12.83 -22.24
CA SER A 26 45.51 -12.67 -21.03
C SER A 26 44.73 -13.20 -19.83
N ALA A 27 43.40 -13.05 -19.85
CA ALA A 27 42.58 -13.54 -18.74
C ALA A 27 42.67 -15.07 -18.59
N GLY A 28 42.69 -15.78 -19.71
CA GLY A 28 42.82 -17.25 -19.70
C GLY A 28 44.12 -17.69 -19.09
N TYR A 29 45.21 -16.99 -19.40
CA TYR A 29 46.52 -17.29 -18.83
C TYR A 29 46.58 -16.93 -17.36
N ALA A 30 45.82 -15.91 -16.96
CA ALA A 30 45.69 -15.48 -15.56
C ALA A 30 45.00 -16.61 -14.77
N ASP A 31 44.02 -17.27 -15.39
CA ASP A 31 43.33 -18.42 -14.79
C ASP A 31 44.27 -19.61 -14.62
N GLN A 32 45.08 -19.89 -15.64
CA GLN A 32 46.06 -20.97 -15.53
C GLN A 32 47.03 -20.69 -14.41
N ASN A 33 47.44 -19.44 -14.29
CA ASN A 33 48.41 -19.06 -13.30
C ASN A 33 47.79 -19.21 -11.91
N ALA A 34 46.57 -18.72 -11.73
CA ALA A 34 45.88 -18.83 -10.44
C ALA A 34 45.81 -20.31 -10.01
N ALA A 35 45.39 -21.18 -10.93
CA ALA A 35 45.33 -22.62 -10.69
C ALA A 35 46.65 -23.19 -10.21
N SER A 36 47.76 -22.70 -10.78
CA SER A 36 49.12 -23.13 -10.40
C SER A 36 49.56 -22.61 -9.04
N LEU A 37 48.89 -21.54 -8.58
CA LEU A 37 49.19 -20.97 -7.26
C LEU A 37 48.24 -21.53 -6.18
N GLY A 38 47.28 -22.35 -6.61
CA GLY A 38 46.31 -22.97 -5.72
C GLY A 38 45.12 -22.10 -5.35
N LEU A 39 44.99 -20.93 -5.98
CA LEU A 39 43.99 -19.96 -5.60
C LEU A 39 43.07 -19.59 -6.73
N THR A 40 41.90 -19.08 -6.35
CA THR A 40 40.95 -18.58 -7.31
C THR A 40 41.36 -17.15 -7.62
N ILE A 41 40.83 -16.65 -8.73
CA ILE A 41 41.06 -15.28 -9.18
C ILE A 41 40.61 -14.25 -8.15
N GLN A 42 39.53 -14.56 -7.44
CA GLN A 42 38.98 -13.70 -6.39
C GLN A 42 39.92 -13.73 -5.16
N GLN A 43 40.41 -14.91 -4.79
CA GLN A 43 41.40 -15.04 -3.72
C GLN A 43 42.66 -14.23 -3.99
N LEU A 44 43.14 -14.26 -5.24
CA LEU A 44 44.29 -13.47 -5.64
C LEU A 44 43.99 -11.99 -5.69
N ALA A 45 42.79 -11.61 -6.12
CA ALA A 45 42.42 -10.20 -6.13
C ALA A 45 42.53 -9.64 -4.71
N MSE A 46 42.03 -10.40 -3.74
CA MSE A 46 42.08 -10.03 -2.31
C MSE A 46 43.52 -9.92 -1.84
O MSE A 46 43.89 -8.94 -1.20
CB MSE A 46 41.32 -11.08 -1.50
CG MSE A 46 41.31 -10.88 0.03
SE MSE A 46 39.95 -11.98 1.02
CE MSE A 46 38.40 -11.29 0.23
N ILE A 47 44.31 -10.94 -2.16
CA ILE A 47 45.73 -10.98 -1.78
C ILE A 47 46.44 -9.74 -2.28
N ASN A 48 46.16 -9.37 -3.52
CA ASN A 48 46.76 -8.21 -4.16
C ASN A 48 46.37 -6.86 -3.55
N VAL A 49 45.10 -6.73 -3.17
CA VAL A 49 44.63 -5.54 -2.47
C VAL A 49 45.35 -5.45 -1.12
N ILE A 50 45.43 -6.56 -0.40
CA ILE A 50 46.06 -6.56 0.93
C ILE A 50 47.55 -6.26 0.84
N TYR A 51 48.17 -6.63 -0.27
CA TYR A 51 49.59 -6.39 -0.46
C TYR A 51 49.87 -4.89 -0.59
N SER A 52 49.03 -4.19 -1.33
CA SER A 52 49.24 -2.76 -1.55
C SER A 52 48.74 -1.89 -0.39
N THR A 53 47.90 -2.45 0.46
CA THR A 53 47.33 -1.70 1.55
C THR A 53 47.34 -2.54 2.82
N PRO A 54 48.53 -2.75 3.40
CA PRO A 54 48.62 -3.48 4.64
C PRO A 54 47.91 -2.72 5.75
N GLY A 55 47.15 -3.45 6.55
CA GLY A 55 46.36 -2.87 7.59
C GLY A 55 44.99 -2.49 7.08
N ILE A 56 44.65 -2.84 5.84
CA ILE A 56 43.32 -2.55 5.31
C ILE A 56 42.27 -3.28 6.16
N SER A 57 41.07 -2.73 6.25
CA SER A 57 40.00 -3.35 7.02
C SER A 57 39.16 -4.26 6.14
N VAL A 58 38.58 -5.28 6.74
CA VAL A 58 37.72 -6.20 6.00
C VAL A 58 36.56 -5.41 5.41
N ALA A 59 36.03 -4.42 6.15
CA ALA A 59 34.97 -3.54 5.68
C ALA A 59 35.33 -2.84 4.38
N ASP A 60 36.56 -2.34 4.29
CA ASP A 60 37.03 -1.64 3.09
C ASP A 60 37.51 -2.59 2.02
N LEU A 61 37.92 -3.78 2.42
CA LEU A 61 38.39 -4.79 1.49
C LEU A 61 37.22 -5.23 0.61
N THR A 62 36.07 -5.47 1.23
CA THR A 62 34.88 -5.88 0.49
C THR A 62 34.47 -4.83 -0.52
N LYS A 63 34.43 -3.58 -0.07
CA LYS A 63 34.02 -2.43 -0.91
C LYS A 63 34.95 -2.24 -2.09
N ARG A 64 36.23 -2.51 -1.90
CA ARG A 64 37.19 -2.39 -3.00
C ARG A 64 37.06 -3.54 -4.00
N LEU A 65 36.78 -4.75 -3.49
CA LEU A 65 36.59 -5.92 -4.34
C LEU A 65 35.17 -5.95 -4.91
N ILE A 66 34.29 -5.14 -4.35
CA ILE A 66 32.89 -5.06 -4.78
C ILE A 66 32.29 -6.46 -4.66
N ILE A 67 32.35 -6.98 -3.43
CA ILE A 67 31.83 -8.31 -3.11
C ILE A 67 30.95 -8.18 -1.87
N THR A 68 30.22 -9.25 -1.60
CA THR A 68 29.33 -9.32 -0.46
C THR A 68 30.15 -9.26 0.82
N GLY A 69 29.52 -8.92 1.93
CA GLY A 69 30.21 -8.92 3.23
C GLY A 69 30.45 -10.34 3.71
N SER A 70 29.49 -11.22 3.41
CA SER A 70 29.52 -12.62 3.81
C SER A 70 30.61 -13.39 3.10
N SER A 71 30.75 -13.15 1.80
CA SER A 71 31.74 -13.80 0.97
C SER A 71 33.13 -13.33 1.34
N ALA A 72 33.27 -12.03 1.53
CA ALA A 72 34.56 -11.43 1.93
C ALA A 72 35.05 -12.01 3.24
N ALA A 73 34.12 -12.19 4.18
CA ALA A 73 34.43 -12.76 5.48
C ALA A 73 34.80 -14.24 5.39
N ALA A 74 34.14 -14.98 4.49
CA ALA A 74 34.48 -16.40 4.26
C ALA A 74 35.85 -16.51 3.59
N ASN A 75 36.04 -15.74 2.53
CA ASN A 75 37.29 -15.67 1.81
C ASN A 75 38.47 -15.26 2.69
N VAL A 76 38.26 -14.30 3.59
CA VAL A 76 39.28 -13.87 4.53
C VAL A 76 39.65 -14.99 5.48
N ASP A 77 38.67 -15.69 6.03
CA ASP A 77 39.00 -16.78 6.95
C ASP A 77 39.78 -17.88 6.21
N GLY A 78 39.43 -18.11 4.95
CA GLY A 78 40.14 -19.06 4.10
C GLY A 78 41.61 -18.69 3.90
N LEU A 79 41.88 -17.42 3.60
CA LEU A 79 43.24 -16.96 3.43
C LEU A 79 44.01 -17.00 4.72
N ILE A 80 43.32 -16.86 5.86
CA ILE A 80 43.97 -17.03 7.17
C ILE A 80 44.27 -18.52 7.43
N SER A 81 43.32 -19.40 7.05
CA SER A 81 43.53 -20.86 7.22
C SER A 81 44.77 -21.30 6.45
N LEU A 82 44.95 -20.78 5.23
CA LEU A 82 46.10 -21.10 4.37
C LEU A 82 47.42 -20.41 4.73
N GLY A 83 47.43 -19.61 5.80
CA GLY A 83 48.62 -18.89 6.26
C GLY A 83 49.05 -17.72 5.38
N LEU A 84 48.18 -17.24 4.51
CA LEU A 84 48.54 -16.17 3.60
C LEU A 84 48.30 -14.76 4.14
N VAL A 85 47.45 -14.60 5.13
CA VAL A 85 47.20 -13.28 5.72
C VAL A 85 47.27 -13.45 7.20
N VAL A 86 47.59 -12.36 7.89
CA VAL A 86 47.64 -12.37 9.33
C VAL A 86 46.77 -11.25 9.88
N LYS A 87 46.03 -11.53 10.94
CA LYS A 87 45.17 -10.52 11.57
C LYS A 87 46.08 -9.59 12.36
N LEU A 88 45.78 -8.29 12.34
CA LEU A 88 46.59 -7.34 13.12
C LEU A 88 46.12 -7.16 14.58
N ASN A 89 45.04 -7.86 14.94
CA ASN A 89 44.54 -7.89 16.31
C ASN A 89 43.67 -9.14 16.50
N LYS A 90 44.16 -10.10 17.27
CA LYS A 90 43.43 -11.36 17.53
C LYS A 90 42.48 -11.21 18.72
N PRO A 93 38.32 -11.86 16.07
CA PRO A 93 37.09 -12.19 15.38
C PRO A 93 37.28 -12.22 13.86
N ASN A 94 37.41 -13.41 13.28
CA ASN A 94 37.67 -13.60 11.85
C ASN A 94 36.60 -13.11 10.87
N ASP A 95 35.34 -13.04 11.30
CA ASP A 95 34.25 -12.59 10.43
C ASP A 95 33.90 -11.11 10.57
N SER A 96 34.70 -10.36 11.32
CA SER A 96 34.46 -8.93 11.57
C SER A 96 34.79 -8.01 10.42
N MSE A 97 33.96 -6.99 10.22
CA MSE A 97 34.21 -5.97 9.22
C MSE A 97 35.31 -5.00 9.70
O MSE A 97 35.96 -4.37 8.87
CB MSE A 97 32.93 -5.18 8.91
CG MSE A 97 31.84 -5.90 8.10
SE MSE A 97 32.42 -6.67 6.35
CE MSE A 97 33.00 -8.47 7.00
N ASP A 98 35.49 -4.92 11.01
CA ASP A 98 36.52 -4.05 11.63
C ASP A 98 37.89 -4.70 11.70
N LEU A 99 37.98 -5.96 11.28
CA LEU A 99 39.23 -6.71 11.28
C LEU A 99 40.21 -6.11 10.25
N THR A 100 41.47 -5.95 10.65
CA THR A 100 42.51 -5.42 9.76
C THR A 100 43.54 -6.49 9.45
N LEU A 101 44.08 -6.45 8.24
CA LEU A 101 44.94 -7.52 7.74
C LEU A 101 46.21 -7.09 7.03
N LYS A 102 47.24 -7.93 7.13
CA LYS A 102 48.44 -7.81 6.31
C LYS A 102 48.77 -9.20 5.78
N LEU A 103 49.53 -9.28 4.70
CA LEU A 103 49.94 -10.57 4.14
C LEU A 103 51.10 -11.14 4.88
N SER A 104 51.12 -12.47 4.99
CA SER A 104 52.24 -13.16 5.59
C SER A 104 53.28 -13.16 4.48
N LYS A 105 54.43 -13.75 4.76
CA LYS A 105 55.52 -13.85 3.78
C LYS A 105 55.06 -14.67 2.57
N LYS A 106 54.47 -15.83 2.85
CA LYS A 106 53.96 -16.71 1.81
C LYS A 106 52.90 -16.02 1.01
N GLY A 107 52.08 -15.18 1.66
CA GLY A 107 51.11 -14.36 0.94
C GLY A 107 51.82 -13.44 -0.04
N GLU A 108 52.92 -12.82 0.39
CA GLU A 108 53.68 -11.89 -0.46
C GLU A 108 54.24 -12.63 -1.68
N ASP A 109 54.82 -13.81 -1.43
CA ASP A 109 55.41 -14.67 -2.46
C ASP A 109 54.44 -15.02 -3.58
N LEU A 110 53.22 -15.46 -3.22
CA LEU A 110 52.19 -15.79 -4.22
C LEU A 110 51.60 -14.57 -4.91
N SER A 111 51.48 -13.45 -4.18
CA SER A 111 51.04 -12.20 -4.79
C SER A 111 52.01 -11.90 -5.95
N LYS A 112 53.29 -11.93 -5.65
CA LYS A 112 54.35 -11.71 -6.63
C LYS A 112 54.26 -12.65 -7.85
N ARG A 113 54.02 -13.92 -7.61
CA ARG A 113 53.88 -14.88 -8.69
C ARG A 113 52.59 -14.64 -9.49
N SER A 114 51.60 -14.01 -8.86
CA SER A 114 50.35 -13.67 -9.55
C SER A 114 50.51 -12.49 -10.50
N THR A 115 51.36 -11.53 -10.13
CA THR A 115 51.57 -10.33 -10.96
C THR A 115 52.55 -10.62 -12.10
N ALA A 116 53.58 -11.42 -11.82
CA ALA A 116 54.54 -11.89 -12.82
C ALA A 116 54.06 -13.24 -13.37
N ASN A 117 52.96 -13.23 -14.13
CA ASN A 117 52.37 -14.46 -14.64
C ASN A 117 53.26 -15.26 -15.60
N ALA A 118 53.90 -16.31 -15.08
CA ALA A 118 54.84 -17.14 -15.87
C ALA A 118 54.26 -17.76 -17.12
N PHE A 119 52.96 -18.02 -17.12
CA PHE A 119 52.28 -18.56 -18.30
C PHE A 119 52.04 -17.51 -19.39
N MSE A 120 51.93 -16.24 -18.99
CA MSE A 120 51.73 -15.13 -19.92
C MSE A 120 53.07 -14.81 -20.55
O MSE A 120 53.15 -14.52 -21.74
CB MSE A 120 51.23 -13.89 -19.18
CG MSE A 120 50.87 -12.72 -20.06
SE MSE A 120 49.38 -13.19 -21.16
CE MSE A 120 49.59 -12.13 -22.59
N TYR A 121 54.11 -14.83 -19.74
CA TYR A 121 55.46 -14.61 -20.21
C TYR A 121 55.89 -15.63 -21.25
N LYS A 122 55.74 -16.92 -20.97
CA LYS A 122 56.09 -17.96 -21.94
C LYS A 122 55.33 -17.75 -23.24
N ALA A 123 54.04 -17.46 -23.14
CA ALA A 123 53.21 -17.16 -24.30
C ALA A 123 53.72 -15.97 -25.13
N MSE A 124 54.19 -14.91 -24.46
CA MSE A 124 54.69 -13.72 -25.14
C MSE A 124 56.09 -13.95 -25.71
O MSE A 124 56.51 -13.26 -26.64
CB MSE A 124 54.68 -12.53 -24.18
CG MSE A 124 54.56 -11.20 -24.89
SE MSE A 124 52.81 -10.98 -25.81
CE MSE A 124 51.80 -10.93 -24.55
N MSE A 125 56.83 -14.91 -25.15
CA MSE A 125 58.15 -15.24 -25.64
CA MSE A 125 58.15 -15.26 -25.66
C MSE A 125 58.00 -15.93 -27.01
O MSE A 125 58.81 -15.73 -27.91
CB MSE A 125 58.87 -16.12 -24.63
CB MSE A 125 58.93 -16.19 -24.71
CG MSE A 125 60.37 -16.21 -24.80
CG MSE A 125 59.66 -15.48 -23.59
SE MSE A 125 61.25 -16.81 -23.15
SE MSE A 125 61.26 -14.52 -24.22
CE MSE A 125 60.82 -15.28 -21.96
CE MSE A 125 62.38 -16.05 -24.69
N LYS A 126 56.94 -16.73 -27.15
CA LYS A 126 56.66 -17.38 -28.41
C LYS A 126 56.19 -16.37 -29.43
N VAL A 127 55.47 -15.33 -28.98
CA VAL A 127 55.01 -14.26 -29.86
C VAL A 127 56.22 -13.51 -30.39
N PHE A 128 57.09 -13.10 -29.47
CA PHE A 128 58.32 -12.39 -29.78
C PHE A 128 59.23 -13.12 -30.76
N GLU A 129 59.18 -14.45 -30.76
CA GLU A 129 59.97 -15.25 -31.72
C GLU A 129 59.49 -15.06 -33.15
N ASN A 130 58.24 -14.64 -33.33
CA ASN A 130 57.68 -14.37 -34.65
C ASN A 130 57.58 -12.88 -34.99
N LEU A 131 58.33 -12.08 -34.24
CA LEU A 131 58.42 -10.63 -34.45
C LEU A 131 59.88 -10.24 -34.61
N THR A 132 60.14 -9.17 -35.38
CA THR A 132 61.51 -8.72 -35.59
C THR A 132 61.94 -7.86 -34.42
N GLU A 133 63.24 -7.70 -34.21
CA GLU A 133 63.71 -6.82 -33.15
C GLU A 133 63.10 -5.40 -33.32
N ASN A 134 63.01 -4.90 -34.56
CA ASN A 134 62.39 -3.60 -34.82
C ASN A 134 60.89 -3.56 -34.50
N GLU A 135 60.15 -4.63 -34.80
CA GLU A 135 58.71 -4.68 -34.51
C GLU A 135 58.43 -4.64 -33.00
N ILE A 136 59.25 -5.35 -32.25
CA ILE A 136 59.12 -5.42 -30.82
C ILE A 136 59.33 -4.05 -30.18
N GLU A 137 60.34 -3.30 -30.64
CA GLU A 137 60.63 -1.95 -30.11
C GLU A 137 59.50 -0.99 -30.44
N GLU A 138 58.95 -1.10 -31.64
CA GLU A 138 57.84 -0.24 -32.02
C GLU A 138 56.53 -0.60 -31.33
N LEU A 139 56.28 -1.88 -31.13
CA LEU A 139 55.07 -2.36 -30.41
C LEU A 139 55.03 -1.74 -29.01
N ILE A 140 56.15 -1.88 -28.31
CA ILE A 140 56.31 -1.34 -26.96
CA ILE A 140 56.32 -1.33 -26.96
C ILE A 140 56.24 0.19 -26.95
N ARG A 141 56.94 0.83 -27.88
CA ARG A 141 56.99 2.29 -27.98
C ARG A 141 55.63 2.89 -28.30
N LEU A 142 54.95 2.34 -29.28
CA LEU A 142 53.65 2.86 -29.66
C LEU A 142 52.56 2.61 -28.57
N ASN A 143 52.52 1.41 -27.99
CA ASN A 143 51.57 1.15 -26.90
C ASN A 143 51.82 2.06 -25.69
N LYS A 144 53.09 2.24 -25.34
CA LYS A 144 53.51 3.14 -24.27
C LYS A 144 53.05 4.58 -24.58
N LYS A 145 53.17 4.98 -25.85
CA LYS A 145 52.71 6.30 -26.25
C LYS A 145 51.22 6.44 -26.02
N VAL A 146 50.48 5.40 -26.39
CA VAL A 146 49.03 5.40 -26.23
C VAL A 146 48.63 5.57 -24.76
N GLU A 147 49.27 4.81 -23.88
CA GLU A 147 49.03 4.87 -22.46
C GLU A 147 49.32 6.27 -21.93
N THR A 148 50.45 6.84 -22.34
CA THR A 148 50.85 8.16 -21.88
C THR A 148 49.85 9.22 -22.30
N LEU A 149 49.38 9.15 -23.53
CA LEU A 149 48.39 10.10 -24.03
C LEU A 149 47.02 9.94 -23.38
N LEU A 150 46.65 8.71 -23.05
CA LEU A 150 45.38 8.43 -22.35
C LEU A 150 45.37 9.08 -20.98
N LYS A 151 46.50 8.98 -20.27
CA LYS A 151 46.67 9.57 -18.96
C LYS A 151 46.68 11.09 -18.92
N LYS A 152 46.77 11.75 -20.09
CA LYS A 152 46.79 13.23 -20.13
C LYS A 152 45.42 13.87 -20.12
N SER A 153 44.50 13.40 -20.97
CA SER A 153 43.15 13.97 -21.06
C SER A 153 42.31 13.57 -19.85
N GLY B 4 67.93 -1.64 -29.02
CA GLY B 4 67.26 -1.85 -27.69
C GLY B 4 68.14 -2.59 -26.72
N ILE B 5 68.43 -1.96 -25.59
CA ILE B 5 69.28 -2.54 -24.57
C ILE B 5 68.61 -3.67 -23.81
N ASN B 6 67.29 -3.61 -23.63
CA ASN B 6 66.64 -4.61 -22.77
C ASN B 6 66.44 -5.99 -23.36
N THR B 7 66.33 -6.95 -22.44
CA THR B 7 66.15 -8.34 -22.77
C THR B 7 64.72 -8.55 -23.19
N ASP B 8 64.45 -9.71 -23.78
CA ASP B 8 63.11 -10.06 -24.19
C ASP B 8 62.18 -10.05 -22.99
N THR B 9 62.70 -10.48 -21.85
CA THR B 9 61.94 -10.53 -20.61
C THR B 9 61.53 -9.15 -20.09
N GLU B 10 62.47 -8.22 -20.05
CA GLU B 10 62.20 -6.85 -19.63
C GLU B 10 61.24 -6.18 -20.63
N ASN B 11 61.39 -6.49 -21.89
CA ASN B 11 60.48 -5.97 -22.90
C ASN B 11 59.07 -6.50 -22.67
N ILE B 12 58.95 -7.79 -22.35
CA ILE B 12 57.65 -8.43 -22.12
C ILE B 12 56.95 -7.78 -20.92
N SER B 13 57.69 -7.55 -19.84
CA SER B 13 57.16 -6.86 -18.65
C SER B 13 56.61 -5.50 -18.97
N GLU B 14 57.39 -4.71 -19.71
CA GLU B 14 57.01 -3.37 -20.13
C GLU B 14 55.75 -3.43 -20.96
N LEU B 15 55.66 -4.39 -21.86
CA LEU B 15 54.48 -4.53 -22.70
C LEU B 15 53.26 -4.93 -21.87
N LEU B 16 53.43 -5.89 -20.98
CA LEU B 16 52.33 -6.37 -20.14
C LEU B 16 51.88 -5.29 -19.16
N LYS B 17 52.81 -4.52 -18.61
CA LYS B 17 52.45 -3.42 -17.74
C LYS B 17 51.65 -2.40 -18.55
N THR B 18 52.11 -2.10 -19.76
CA THR B 18 51.46 -1.13 -20.62
C THR B 18 50.04 -1.55 -20.96
N TYR B 19 49.86 -2.77 -21.45
CA TYR B 19 48.51 -3.29 -21.74
C TYR B 19 47.60 -3.25 -20.48
N TRP B 20 48.14 -3.66 -19.33
CA TRP B 20 47.40 -3.63 -18.08
C TRP B 20 46.97 -2.20 -17.72
N SER B 21 47.85 -1.23 -17.98
CA SER B 21 47.55 0.17 -17.70
C SER B 21 46.43 0.68 -18.66
N ILE B 22 46.53 0.35 -19.95
CA ILE B 22 45.48 0.69 -20.92
C ILE B 22 44.14 0.08 -20.53
N GLN B 23 44.14 -1.20 -20.17
CA GLN B 23 42.93 -1.91 -19.75
C GLN B 23 42.32 -1.29 -18.48
N ARG B 24 43.15 -0.87 -17.54
CA ARG B 24 42.68 -0.18 -16.35
C ARG B 24 41.99 1.18 -16.73
N ILE B 25 42.59 1.95 -17.63
CA ILE B 25 42.01 3.21 -18.08
C ILE B 25 40.70 2.92 -18.84
N SER B 26 40.72 1.93 -19.69
CA SER B 26 39.55 1.51 -20.43
C SER B 26 38.35 1.07 -19.56
N ALA B 27 38.64 0.48 -18.41
CA ALA B 27 37.62 0.07 -17.45
C ALA B 27 36.88 1.30 -16.89
N GLY B 28 37.59 2.41 -16.71
CA GLY B 28 37.00 3.67 -16.25
C GLY B 28 36.00 4.21 -17.24
N TYR B 29 36.35 4.15 -18.51
CA TYR B 29 35.48 4.60 -19.58
C TYR B 29 34.30 3.65 -19.75
N ALA B 30 34.52 2.39 -19.42
CA ALA B 30 33.48 1.38 -19.45
C ALA B 30 32.49 1.66 -18.32
N ASP B 31 32.99 2.13 -17.16
CA ASP B 31 32.12 2.54 -16.03
C ASP B 31 31.22 3.70 -16.45
N GLN B 32 31.83 4.73 -17.02
CA GLN B 32 31.10 5.91 -17.49
C GLN B 32 30.03 5.55 -18.48
N ASN B 33 30.34 4.61 -19.39
CA ASN B 33 29.36 4.18 -20.37
C ASN B 33 28.19 3.44 -19.70
N ALA B 34 28.50 2.66 -18.67
CA ALA B 34 27.47 1.94 -17.92
C ALA B 34 26.59 2.95 -17.19
N ALA B 35 27.24 3.90 -16.51
CA ALA B 35 26.59 4.95 -15.75
C ALA B 35 25.64 5.79 -16.61
N SER B 36 26.04 6.08 -17.85
CA SER B 36 25.20 6.85 -18.77
C SER B 36 23.92 6.09 -19.16
N LEU B 37 23.91 4.77 -18.98
CA LEU B 37 22.75 3.94 -19.25
C LEU B 37 21.96 3.69 -17.96
N GLY B 38 22.54 4.09 -16.83
CA GLY B 38 21.92 4.03 -15.52
C GLY B 38 22.27 2.78 -14.75
N LEU B 39 23.29 2.08 -15.23
CA LEU B 39 23.64 0.81 -14.67
C LEU B 39 25.05 0.81 -14.12
N THR B 40 25.30 -0.16 -13.28
CA THR B 40 26.62 -0.43 -12.75
C THR B 40 27.23 -1.37 -13.79
N ILE B 41 28.54 -1.55 -13.73
CA ILE B 41 29.22 -2.42 -14.69
C ILE B 41 28.72 -3.89 -14.53
N GLN B 42 28.48 -4.31 -13.29
CA GLN B 42 27.95 -5.62 -12.97
C GLN B 42 26.51 -5.79 -13.53
N GLN B 43 25.69 -4.75 -13.41
CA GLN B 43 24.33 -4.81 -14.00
C GLN B 43 24.42 -4.95 -15.50
N LEU B 44 25.38 -4.25 -16.10
CA LEU B 44 25.57 -4.29 -17.52
C LEU B 44 26.10 -5.64 -18.02
N ALA B 45 27.05 -6.22 -17.30
CA ALA B 45 27.59 -7.54 -17.62
C ALA B 45 26.49 -8.57 -17.62
N MSE B 46 25.62 -8.51 -16.61
CA MSE B 46 24.49 -9.43 -16.50
C MSE B 46 23.56 -9.33 -17.71
O MSE B 46 23.21 -10.33 -18.31
CB MSE B 46 23.73 -9.18 -15.19
CG MSE B 46 22.50 -10.10 -14.92
SE MSE B 46 21.64 -9.99 -13.10
CE MSE B 46 23.21 -10.45 -12.14
N ILE B 47 23.17 -8.10 -18.06
CA ILE B 47 22.31 -7.84 -19.23
C ILE B 47 22.94 -8.41 -20.50
N ASN B 48 24.25 -8.26 -20.63
CA ASN B 48 24.97 -8.74 -21.79
C ASN B 48 25.00 -10.26 -21.90
N VAL B 49 25.19 -10.94 -20.77
CA VAL B 49 25.12 -12.39 -20.72
C VAL B 49 23.71 -12.85 -21.11
N ILE B 50 22.69 -12.19 -20.56
CA ILE B 50 21.29 -12.56 -20.85
C ILE B 50 20.95 -12.30 -22.31
N TYR B 51 21.53 -11.25 -22.87
CA TYR B 51 21.37 -10.96 -24.28
C TYR B 51 21.92 -12.14 -25.13
N SER B 52 23.10 -12.62 -24.79
CA SER B 52 23.74 -13.70 -25.56
C SER B 52 23.07 -15.06 -25.37
N THR B 53 22.50 -15.27 -24.17
CA THR B 53 21.92 -16.54 -23.78
C THR B 53 20.49 -16.39 -23.28
N PRO B 54 19.54 -16.08 -24.18
CA PRO B 54 18.15 -16.00 -23.76
C PRO B 54 17.64 -17.34 -23.21
N GLY B 55 16.93 -17.29 -22.10
CA GLY B 55 16.44 -18.48 -21.42
C GLY B 55 17.46 -19.03 -20.44
N ILE B 56 18.59 -18.35 -20.29
CA ILE B 56 19.60 -18.77 -19.33
C ILE B 56 18.99 -18.81 -17.93
N SER B 57 19.39 -19.81 -17.13
CA SER B 57 18.88 -19.92 -15.77
C SER B 57 19.69 -19.03 -14.85
N VAL B 58 19.13 -18.71 -13.69
CA VAL B 58 19.82 -17.88 -12.71
C VAL B 58 21.03 -18.63 -12.17
N ALA B 59 20.91 -19.94 -12.00
CA ALA B 59 22.03 -20.75 -11.53
C ALA B 59 23.26 -20.59 -12.43
N ASP B 60 23.04 -20.62 -13.75
CA ASP B 60 24.13 -20.53 -14.71
C ASP B 60 24.59 -19.10 -14.89
N LEU B 61 23.66 -18.15 -14.75
CA LEU B 61 23.98 -16.74 -14.85
C LEU B 61 24.94 -16.39 -13.72
N THR B 62 24.62 -16.83 -12.50
CA THR B 62 25.46 -16.59 -11.33
C THR B 62 26.89 -17.11 -11.50
N LYS B 63 27.00 -18.37 -11.92
CA LYS B 63 28.29 -19.04 -12.13
C LYS B 63 29.12 -18.37 -13.22
N ARG B 64 28.43 -17.92 -14.25
CA ARG B 64 29.06 -17.26 -15.37
C ARG B 64 29.56 -15.86 -15.05
N LEU B 65 28.99 -15.24 -14.01
CA LEU B 65 29.39 -13.92 -13.54
C LEU B 65 30.38 -14.06 -12.38
N ILE B 66 30.52 -15.27 -11.85
CA ILE B 66 31.41 -15.57 -10.74
C ILE B 66 31.02 -14.70 -9.53
N ILE B 67 29.74 -14.81 -9.15
CA ILE B 67 29.15 -14.09 -8.03
C ILE B 67 28.28 -15.03 -7.21
N THR B 68 27.78 -14.55 -6.08
CA THR B 68 26.94 -15.33 -5.16
C THR B 68 25.53 -15.41 -5.72
N GLY B 69 24.73 -16.32 -5.17
CA GLY B 69 23.33 -16.46 -5.55
C GLY B 69 22.45 -15.39 -4.93
N SER B 70 22.80 -14.93 -3.73
CA SER B 70 22.05 -13.90 -3.03
C SER B 70 22.20 -12.56 -3.73
N SER B 71 23.41 -12.28 -4.20
CA SER B 71 23.69 -11.04 -4.92
C SER B 71 23.17 -11.12 -6.34
N ALA B 72 23.21 -12.32 -6.94
CA ALA B 72 22.70 -12.51 -8.29
C ALA B 72 21.18 -12.45 -8.28
N ALA B 73 20.57 -13.00 -7.23
CA ALA B 73 19.12 -12.95 -7.12
C ALA B 73 18.66 -11.53 -6.84
N ALA B 74 19.46 -10.76 -6.11
CA ALA B 74 19.13 -9.36 -5.84
C ALA B 74 19.25 -8.54 -7.12
N ASN B 75 20.32 -8.78 -7.87
CA ASN B 75 20.56 -8.09 -9.13
C ASN B 75 19.50 -8.44 -10.13
N VAL B 76 19.10 -9.72 -10.21
CA VAL B 76 18.05 -10.12 -11.13
C VAL B 76 16.78 -9.39 -10.78
N ASP B 77 16.44 -9.39 -9.48
CA ASP B 77 15.26 -8.69 -8.99
C ASP B 77 15.29 -7.21 -9.38
N GLY B 78 16.47 -6.59 -9.24
CA GLY B 78 16.65 -5.20 -9.64
C GLY B 78 16.45 -4.97 -11.13
N LEU B 79 16.96 -5.88 -11.98
CA LEU B 79 16.76 -5.74 -13.44
C LEU B 79 15.31 -5.99 -13.83
N ILE B 80 14.63 -6.89 -13.12
CA ILE B 80 13.20 -7.07 -13.32
C ILE B 80 12.44 -5.81 -12.89
N SER B 81 12.86 -5.17 -11.80
CA SER B 81 12.21 -3.94 -11.35
C SER B 81 12.32 -2.84 -12.39
N LEU B 82 13.47 -2.75 -13.06
CA LEU B 82 13.68 -1.75 -14.10
C LEU B 82 13.03 -2.07 -15.45
N GLY B 83 12.41 -3.24 -15.59
CA GLY B 83 11.76 -3.63 -16.82
C GLY B 83 12.76 -4.00 -17.90
N LEU B 84 13.95 -4.42 -17.50
CA LEU B 84 15.00 -4.79 -18.45
C LEU B 84 15.04 -6.29 -18.72
N VAL B 85 14.46 -7.10 -17.86
N VAL B 85 14.43 -7.07 -17.84
CA VAL B 85 14.45 -8.54 -18.06
CA VAL B 85 14.46 -8.53 -17.88
C VAL B 85 13.09 -9.09 -17.72
C VAL B 85 13.06 -9.10 -17.67
N VAL B 86 12.81 -10.26 -18.25
CA VAL B 86 11.54 -10.90 -17.99
CA VAL B 86 11.52 -10.93 -18.11
C VAL B 86 11.76 -12.35 -17.64
N LYS B 87 10.86 -12.88 -16.81
CA LYS B 87 10.93 -14.25 -16.35
C LYS B 87 10.27 -15.10 -17.41
N LEU B 88 10.91 -16.16 -17.89
CA LEU B 88 10.23 -17.01 -18.88
C LEU B 88 9.18 -17.94 -18.25
N ASN B 89 9.17 -18.06 -16.93
CA ASN B 89 8.11 -18.80 -16.22
C ASN B 89 7.72 -18.00 -14.97
N LYS B 90 6.48 -17.51 -14.96
CA LYS B 90 5.98 -16.71 -13.85
C LYS B 90 5.17 -17.58 -12.87
N THR B 91 5.76 -18.70 -12.45
CA THR B 91 5.14 -19.62 -11.49
C THR B 91 5.91 -19.59 -10.18
N MSE B 97 17.11 -19.94 -8.04
CA MSE B 97 18.16 -20.29 -8.98
C MSE B 97 17.67 -21.05 -10.23
O MSE B 97 18.43 -21.23 -11.17
CB MSE B 97 19.26 -21.10 -8.27
CG MSE B 97 20.01 -20.31 -7.17
SE MSE B 97 21.42 -19.07 -7.81
CE MSE B 97 22.94 -20.37 -7.88
N ASP B 98 16.40 -21.49 -10.23
CA ASP B 98 15.81 -22.21 -11.38
C ASP B 98 15.09 -21.27 -12.38
N LEU B 99 14.99 -19.99 -12.02
CA LEU B 99 14.34 -19.01 -12.88
C LEU B 99 15.12 -18.84 -14.20
N THR B 100 14.40 -18.70 -15.31
CA THR B 100 15.00 -18.49 -16.62
C THR B 100 14.62 -17.09 -17.09
N LEU B 101 15.50 -16.46 -17.85
CA LEU B 101 15.35 -15.07 -18.21
C LEU B 101 15.74 -14.72 -19.62
N LYS B 102 15.14 -13.63 -20.07
CA LYS B 102 15.48 -13.03 -21.34
C LYS B 102 15.28 -11.54 -21.13
N LEU B 103 15.80 -10.75 -22.06
CA LEU B 103 15.66 -9.31 -21.99
C LEU B 103 14.35 -8.86 -22.54
N SER B 104 13.86 -7.76 -22.01
CA SER B 104 12.71 -7.10 -22.55
C SER B 104 13.28 -6.29 -23.71
N LYS B 105 12.43 -5.61 -24.47
CA LYS B 105 12.88 -4.77 -25.57
C LYS B 105 13.75 -3.63 -25.03
N LYS B 106 13.38 -3.13 -23.85
CA LYS B 106 14.12 -2.06 -23.18
C LYS B 106 15.52 -2.57 -22.76
N GLY B 107 15.61 -3.82 -22.34
CA GLY B 107 16.90 -4.42 -21.98
C GLY B 107 17.82 -4.60 -23.18
N GLU B 108 17.23 -4.99 -24.30
CA GLU B 108 18.00 -5.18 -25.54
C GLU B 108 18.49 -3.86 -26.07
N ASP B 109 17.66 -2.83 -26.03
CA ASP B 109 18.06 -1.49 -26.50
C ASP B 109 19.25 -0.97 -25.73
N LEU B 110 19.23 -1.11 -24.40
CA LEU B 110 20.36 -0.69 -23.60
C LEU B 110 21.59 -1.54 -23.86
N SER B 111 21.41 -2.84 -24.06
CA SER B 111 22.56 -3.72 -24.28
C SER B 111 23.29 -3.29 -25.56
N LYS B 112 22.51 -3.02 -26.60
CA LYS B 112 23.03 -2.54 -27.88
C LYS B 112 23.73 -1.20 -27.76
N ARG B 113 23.09 -0.26 -27.07
CA ARG B 113 23.71 1.04 -26.83
C ARG B 113 25.05 0.88 -26.17
N SER B 114 25.16 -0.07 -25.23
CA SER B 114 26.41 -0.30 -24.53
C SER B 114 27.56 -0.75 -25.43
N THR B 115 27.24 -1.28 -26.61
CA THR B 115 28.29 -1.78 -27.50
C THR B 115 29.12 -0.62 -28.05
N ALA B 116 28.48 0.50 -28.32
CA ALA B 116 29.17 1.70 -28.77
C ALA B 116 29.49 2.56 -27.55
N ASN B 117 30.74 2.53 -27.09
CA ASN B 117 31.14 3.34 -25.95
C ASN B 117 31.66 4.70 -26.39
N ALA B 118 30.77 5.69 -26.39
CA ALA B 118 31.10 7.05 -26.79
C ALA B 118 32.25 7.71 -26.01
N PHE B 119 32.39 7.35 -24.74
CA PHE B 119 33.43 7.91 -23.86
C PHE B 119 34.82 7.43 -24.26
N MSE B 120 34.93 6.15 -24.59
CA MSE B 120 36.20 5.57 -25.03
C MSE B 120 36.59 6.12 -26.42
O MSE B 120 37.76 6.38 -26.66
CB MSE B 120 36.12 4.05 -25.08
CG MSE B 120 37.41 3.38 -25.43
SE MSE B 120 38.68 3.26 -23.99
CE MSE B 120 37.80 1.86 -23.29
N TYR B 121 35.62 6.24 -27.32
CA TYR B 121 35.91 6.80 -28.65
C TYR B 121 36.41 8.22 -28.61
N LYS B 122 35.82 9.06 -27.77
CA LYS B 122 36.28 10.45 -27.64
C LYS B 122 37.70 10.47 -27.09
N ALA B 123 37.97 9.61 -26.13
CA ALA B 123 39.30 9.54 -25.53
C ALA B 123 40.37 9.04 -26.52
N MSE B 124 40.07 7.99 -27.27
CA MSE B 124 41.02 7.45 -28.24
C MSE B 124 41.19 8.41 -29.41
O MSE B 124 42.25 8.51 -29.99
CB MSE B 124 40.58 6.06 -28.72
CG MSE B 124 41.72 5.20 -29.21
SE MSE B 124 43.08 4.88 -27.84
CE MSE B 124 42.03 4.26 -26.64
N MSE B 125 40.12 9.13 -29.75
CA MSE B 125 40.17 10.16 -30.77
C MSE B 125 41.17 11.27 -30.41
O MSE B 125 41.89 11.75 -31.27
CB MSE B 125 38.76 10.74 -30.92
CG MSE B 125 38.65 11.93 -31.81
SE MSE B 125 36.79 12.33 -32.06
CE MSE B 125 36.03 10.50 -32.64
N LYS B 126 41.22 11.66 -29.15
CA LYS B 126 42.20 12.64 -28.71
C LYS B 126 43.61 12.07 -28.80
N VAL B 127 43.75 10.78 -28.52
CA VAL B 127 45.06 10.11 -28.58
C VAL B 127 45.61 10.16 -30.01
N PHE B 128 44.74 9.86 -30.97
CA PHE B 128 45.03 9.82 -32.40
C PHE B 128 45.48 11.18 -32.97
N GLU B 129 44.95 12.27 -32.44
CA GLU B 129 45.37 13.61 -32.83
C GLU B 129 46.85 13.84 -32.46
N ASN B 130 47.34 13.09 -31.49
CA ASN B 130 48.74 13.13 -31.07
C ASN B 130 49.56 11.94 -31.55
N LEU B 131 49.07 11.23 -32.55
CA LEU B 131 49.84 10.19 -33.22
C LEU B 131 49.91 10.55 -34.70
N THR B 132 50.99 10.10 -35.34
CA THR B 132 51.15 10.29 -36.79
C THR B 132 50.41 9.16 -37.48
N GLU B 133 50.03 9.40 -38.74
CA GLU B 133 49.31 8.41 -39.55
C GLU B 133 50.07 7.10 -39.63
N ASN B 134 51.39 7.17 -39.74
CA ASN B 134 52.26 5.98 -39.75
C ASN B 134 52.28 5.21 -38.41
N GLU B 135 52.15 5.95 -37.31
CA GLU B 135 52.08 5.35 -35.98
C GLU B 135 50.75 4.64 -35.75
N ILE B 136 49.67 5.27 -36.18
CA ILE B 136 48.36 4.70 -36.09
C ILE B 136 48.37 3.38 -36.86
N GLU B 137 48.72 3.42 -38.16
CA GLU B 137 48.82 2.21 -39.01
C GLU B 137 49.65 1.10 -38.36
N GLU B 138 50.80 1.47 -37.85
CA GLU B 138 51.69 0.50 -37.20
C GLU B 138 51.18 -0.04 -35.89
N LEU B 139 50.64 0.84 -35.04
CA LEU B 139 50.01 0.43 -33.78
C LEU B 139 48.96 -0.64 -34.03
N ILE B 140 48.13 -0.44 -35.04
CA ILE B 140 47.09 -1.39 -35.35
C ILE B 140 47.65 -2.70 -35.83
N ARG B 141 48.61 -2.63 -36.74
CA ARG B 141 49.18 -3.81 -37.33
C ARG B 141 49.97 -4.65 -36.35
N LEU B 142 50.73 -4.02 -35.47
CA LEU B 142 51.53 -4.77 -34.50
C LEU B 142 50.75 -5.43 -33.36
N ASN B 143 49.74 -4.75 -32.85
CA ASN B 143 48.86 -5.35 -31.84
C ASN B 143 48.07 -6.50 -32.46
N LYS B 144 47.54 -6.30 -33.67
CA LYS B 144 46.84 -7.38 -34.38
C LYS B 144 47.76 -8.56 -34.63
N LYS B 145 49.04 -8.31 -34.85
CA LYS B 145 49.99 -9.39 -35.06
C LYS B 145 50.18 -10.16 -33.75
N VAL B 146 50.23 -9.44 -32.65
CA VAL B 146 50.35 -10.03 -31.32
C VAL B 146 49.12 -10.88 -31.03
N GLU B 147 47.93 -10.32 -31.23
CA GLU B 147 46.68 -11.02 -31.04
C GLU B 147 46.66 -12.34 -31.82
N THR B 148 46.98 -12.27 -33.10
CA THR B 148 46.94 -13.45 -33.96
C THR B 148 47.99 -14.47 -33.59
N LEU B 149 49.16 -14.02 -33.18
CA LEU B 149 50.18 -14.95 -32.75
C LEU B 149 49.79 -15.61 -31.44
N LEU B 150 49.08 -14.88 -30.59
CA LEU B 150 48.60 -15.43 -29.32
C LEU B 150 47.53 -16.47 -29.57
N LYS B 151 46.65 -16.22 -30.54
CA LYS B 151 45.56 -17.17 -30.85
C LYS B 151 46.04 -18.55 -31.34
N LYS B 152 47.33 -18.68 -31.64
CA LYS B 152 47.92 -19.97 -31.99
C LYS B 152 49.19 -20.20 -31.16
N THR C 7 20.63 8.59 36.11
CA THR C 7 20.49 10.05 35.88
C THR C 7 19.70 10.32 34.60
N ASP C 8 19.09 11.50 34.54
CA ASP C 8 18.35 11.95 33.37
C ASP C 8 19.24 11.78 32.13
N THR C 9 20.45 12.33 32.20
CA THR C 9 21.42 12.28 31.11
C THR C 9 21.71 10.87 30.61
N GLU C 10 21.85 9.93 31.54
CA GLU C 10 22.15 8.55 31.18
C GLU C 10 20.95 7.85 30.52
N ASN C 11 19.74 8.32 30.80
CA ASN C 11 18.54 7.77 30.17
C ASN C 11 18.39 8.33 28.77
N ILE C 12 18.81 9.58 28.58
CA ILE C 12 18.82 10.23 27.26
C ILE C 12 19.85 9.52 26.36
N SER C 13 21.05 9.34 26.88
CA SER C 13 22.12 8.63 26.16
C SER C 13 21.68 7.25 25.70
N GLU C 14 21.05 6.50 26.59
CA GLU C 14 20.59 5.16 26.27
C GLU C 14 19.53 5.25 25.20
N LEU C 15 18.64 6.23 25.32
CA LEU C 15 17.60 6.40 24.32
C LEU C 15 18.19 6.84 22.96
N LEU C 16 19.10 7.81 22.98
CA LEU C 16 19.69 8.26 21.72
C LEU C 16 20.50 7.15 21.06
N LYS C 17 21.30 6.41 21.85
CA LYS C 17 22.05 5.28 21.33
C LYS C 17 21.13 4.24 20.71
N THR C 18 19.96 4.02 21.31
CA THR C 18 19.03 3.04 20.77
C THR C 18 18.40 3.53 19.47
N TYR C 19 17.99 4.79 19.40
CA TYR C 19 17.44 5.31 18.14
C TYR C 19 18.48 5.25 17.01
N TRP C 20 19.71 5.60 17.30
CA TRP C 20 20.79 5.53 16.32
C TRP C 20 21.00 4.11 15.81
N SER C 21 20.96 3.13 16.71
CA SER C 21 21.17 1.73 16.36
C SER C 21 20.05 1.21 15.45
N ILE C 22 18.82 1.68 15.69
CA ILE C 22 17.65 1.32 14.88
C ILE C 22 17.77 1.98 13.49
N GLN C 23 18.21 3.23 13.45
CA GLN C 23 18.33 3.87 12.16
CA GLN C 23 18.47 3.98 12.22
C GLN C 23 19.46 3.20 11.34
N ARG C 24 20.53 2.78 11.99
CA ARG C 24 21.60 2.06 11.33
C ARG C 24 21.10 0.76 10.70
N ILE C 25 20.24 0.04 11.42
CA ILE C 25 19.63 -1.20 10.93
C ILE C 25 18.66 -0.91 9.78
N SER C 26 17.86 0.14 9.92
CA SER C 26 16.97 0.57 8.88
C SER C 26 17.76 0.79 7.59
N ALA C 27 18.86 1.54 7.68
CA ALA C 27 19.70 1.85 6.52
C ALA C 27 20.16 0.61 5.77
N GLY C 28 20.50 -0.45 6.50
CA GLY C 28 20.86 -1.73 5.90
C GLY C 28 19.72 -2.29 5.06
N TYR C 29 18.49 -2.16 5.55
CA TYR C 29 17.30 -2.59 4.81
C TYR C 29 16.99 -1.63 3.67
N ALA C 30 17.38 -0.37 3.82
CA ALA C 30 17.23 0.62 2.76
C ALA C 30 18.11 0.22 1.57
N ASP C 31 19.33 -0.23 1.85
CA ASP C 31 20.27 -0.72 0.84
C ASP C 31 19.79 -1.97 0.10
N GLN C 32 19.16 -2.92 0.82
CA GLN C 32 18.59 -4.12 0.20
C GLN C 32 17.41 -3.73 -0.68
N ASN C 33 16.62 -2.79 -0.21
CA ASN C 33 15.46 -2.35 -0.98
C ASN C 33 15.97 -1.72 -2.29
N ALA C 34 16.89 -0.78 -2.18
CA ALA C 34 17.48 -0.12 -3.33
C ALA C 34 18.00 -1.14 -4.36
N ALA C 35 18.82 -2.10 -3.91
CA ALA C 35 19.34 -3.16 -4.79
C ALA C 35 18.24 -4.00 -5.48
N SER C 36 17.11 -4.22 -4.80
CA SER C 36 15.96 -4.94 -5.39
C SER C 36 15.23 -4.04 -6.37
N LEU C 37 15.46 -2.73 -6.30
CA LEU C 37 14.88 -1.81 -7.28
C LEU C 37 15.82 -1.53 -8.45
N GLY C 38 17.03 -2.06 -8.38
CA GLY C 38 18.04 -1.89 -9.42
C GLY C 38 18.74 -0.54 -9.40
N LEU C 39 18.60 0.19 -8.29
CA LEU C 39 19.17 1.51 -8.18
C LEU C 39 20.13 1.66 -7.04
N THR C 40 21.09 2.56 -7.21
CA THR C 40 21.96 2.95 -6.13
C THR C 40 21.20 3.87 -5.17
N ILE C 41 21.78 4.07 -3.98
CA ILE C 41 21.21 5.00 -2.98
C ILE C 41 21.18 6.42 -3.54
N GLN C 42 22.20 6.79 -4.30
CA GLN C 42 22.27 8.12 -4.93
CA GLN C 42 22.23 8.13 -4.89
C GLN C 42 21.17 8.27 -6.00
N GLN C 43 20.92 7.19 -6.75
CA GLN C 43 19.89 7.21 -7.80
C GLN C 43 18.49 7.43 -7.25
N LEU C 44 18.16 6.73 -6.17
CA LEU C 44 16.86 6.90 -5.51
C LEU C 44 16.72 8.25 -4.82
N ALA C 45 17.80 8.77 -4.24
CA ALA C 45 17.77 10.11 -3.64
C ALA C 45 17.51 11.15 -4.72
N MSE C 46 18.01 10.92 -5.94
CA MSE C 46 17.76 11.82 -7.02
C MSE C 46 16.31 11.74 -7.46
O MSE C 46 15.64 12.74 -7.60
CB MSE C 46 18.70 11.54 -8.16
CG MSE C 46 18.51 12.45 -9.29
SE MSE C 46 19.83 12.27 -10.55
CE MSE C 46 21.29 12.89 -9.57
N ILE C 47 15.85 10.52 -7.67
CA ILE C 47 14.46 10.26 -8.03
C ILE C 47 13.46 10.86 -7.04
N ASN C 48 13.72 10.70 -5.75
CA ASN C 48 12.78 11.20 -4.73
C ASN C 48 12.69 12.74 -4.69
N VAL C 49 13.77 13.43 -5.04
CA VAL C 49 13.81 14.90 -5.10
C VAL C 49 12.97 15.39 -6.26
N ILE C 50 13.13 14.72 -7.41
CA ILE C 50 12.38 15.04 -8.62
C ILE C 50 10.90 14.78 -8.37
N TYR C 51 10.60 13.70 -7.65
CA TYR C 51 9.20 13.39 -7.31
C TYR C 51 8.59 14.53 -6.48
N SER C 52 9.35 15.02 -5.51
CA SER C 52 8.90 16.09 -4.61
C SER C 52 8.97 17.48 -5.22
N THR C 53 9.75 17.66 -6.28
CA THR C 53 9.91 18.96 -6.94
C THR C 53 9.80 18.84 -8.47
N PRO C 54 8.60 18.54 -8.98
CA PRO C 54 8.48 18.41 -10.42
C PRO C 54 8.83 19.70 -11.13
N GLY C 55 9.75 19.63 -12.06
CA GLY C 55 10.20 20.82 -12.79
C GLY C 55 11.53 21.33 -12.28
N ILE C 56 12.12 20.61 -11.33
CA ILE C 56 13.40 21.00 -10.76
C ILE C 56 14.48 21.00 -11.86
N SER C 57 15.33 22.02 -11.84
CA SER C 57 16.42 22.14 -12.79
C SER C 57 17.58 21.31 -12.27
N VAL C 58 18.46 20.89 -13.17
CA VAL C 58 19.63 20.08 -12.78
C VAL C 58 20.56 20.89 -11.85
N ALA C 59 20.64 22.20 -12.07
CA ALA C 59 21.45 23.09 -11.24
C ALA C 59 21.02 23.03 -9.78
N ASP C 60 19.71 23.01 -9.57
CA ASP C 60 19.14 22.98 -8.24
C ASP C 60 19.18 21.59 -7.63
N LEU C 61 18.99 20.59 -8.49
CA LEU C 61 19.06 19.19 -8.06
C LEU C 61 20.46 18.89 -7.53
N THR C 62 21.45 19.36 -8.26
CA THR C 62 22.85 19.22 -7.91
C THR C 62 23.13 19.79 -6.51
N LYS C 63 22.63 20.98 -6.22
CA LYS C 63 22.81 21.60 -4.89
C LYS C 63 22.09 20.83 -3.80
N ARG C 64 20.85 20.46 -4.09
CA ARG C 64 20.00 19.69 -3.18
C ARG C 64 20.60 18.33 -2.77
N LEU C 65 21.36 17.70 -3.67
CA LEU C 65 21.98 16.40 -3.40
C LEU C 65 23.40 16.53 -2.86
N ILE C 66 23.92 17.75 -2.80
CA ILE C 66 25.28 18.03 -2.33
C ILE C 66 26.26 17.21 -3.18
N ILE C 67 26.11 17.25 -4.50
CA ILE C 67 27.02 16.51 -5.37
C ILE C 67 27.58 17.43 -6.44
N THR C 68 28.58 16.91 -7.14
CA THR C 68 29.25 17.59 -8.23
C THR C 68 28.27 17.72 -9.39
N GLY C 69 28.42 18.77 -10.19
CA GLY C 69 27.60 18.97 -11.38
C GLY C 69 27.83 17.91 -12.44
N SER C 70 29.03 17.32 -12.45
CA SER C 70 29.36 16.24 -13.38
C SER C 70 28.72 14.93 -12.95
N SER C 71 28.70 14.65 -11.65
CA SER C 71 28.06 13.43 -11.18
C SER C 71 26.56 13.59 -11.33
N ALA C 72 26.06 14.82 -11.15
CA ALA C 72 24.63 15.09 -11.29
C ALA C 72 24.14 14.95 -12.74
N ALA C 73 24.89 15.50 -13.69
CA ALA C 73 24.53 15.38 -15.11
C ALA C 73 24.66 13.93 -15.60
N ALA C 74 25.71 13.24 -15.15
CA ALA C 74 25.89 11.83 -15.48
C ALA C 74 24.72 10.97 -14.93
N ASN C 75 24.36 11.18 -13.67
CA ASN C 75 23.23 10.46 -13.07
C ASN C 75 21.90 10.80 -13.71
N VAL C 76 21.71 12.06 -14.10
CA VAL C 76 20.47 12.45 -14.80
C VAL C 76 20.36 11.69 -16.13
N ASP C 77 21.46 11.66 -16.86
CA ASP C 77 21.51 10.97 -18.15
C ASP C 77 21.16 9.48 -17.96
N GLY C 78 21.75 8.84 -16.95
CA GLY C 78 21.41 7.47 -16.58
C GLY C 78 19.94 7.26 -16.24
N LEU C 79 19.33 8.13 -15.45
CA LEU C 79 17.92 7.98 -15.14
C LEU C 79 17.04 8.21 -16.38
N ILE C 80 17.49 9.07 -17.29
CA ILE C 80 16.73 9.31 -18.54
C ILE C 80 16.76 8.06 -19.45
N SER C 81 17.89 7.35 -19.44
CA SER C 81 18.10 6.13 -20.21
C SER C 81 17.20 4.98 -19.78
N LEU C 82 17.01 4.87 -18.46
CA LEU C 82 16.14 3.87 -17.87
C LEU C 82 14.66 4.21 -17.99
N GLY C 83 14.32 5.38 -18.53
CA GLY C 83 12.93 5.77 -18.73
C GLY C 83 12.22 6.22 -17.47
N LEU C 84 12.99 6.69 -16.49
CA LEU C 84 12.47 7.10 -15.19
C LEU C 84 12.28 8.58 -15.01
N VAL C 85 12.94 9.38 -15.84
CA VAL C 85 12.81 10.82 -15.76
CA VAL C 85 12.88 10.83 -15.76
C VAL C 85 12.76 11.37 -17.16
N VAL C 86 11.96 12.44 -17.33
CA VAL C 86 11.79 13.08 -18.62
C VAL C 86 12.14 14.57 -18.53
N LYS C 87 12.61 15.12 -19.64
CA LYS C 87 12.98 16.53 -19.73
C LYS C 87 11.71 17.31 -20.01
N LEU C 88 11.62 18.51 -19.45
CA LEU C 88 10.46 19.39 -19.67
C LEU C 88 10.70 20.57 -20.62
N ASN C 89 11.95 20.88 -20.95
CA ASN C 89 12.24 22.07 -21.78
C ASN C 89 11.73 21.92 -23.21
N ASP C 98 17.98 26.04 -17.60
CA ASP C 98 18.67 24.78 -17.41
C ASP C 98 17.69 23.64 -17.57
N LEU C 99 18.22 22.45 -17.79
CA LEU C 99 17.43 21.23 -17.96
C LEU C 99 16.47 21.02 -16.79
N THR C 100 15.18 20.95 -17.05
CA THR C 100 14.16 20.77 -16.00
C THR C 100 13.61 19.35 -16.10
N LEU C 101 13.31 18.75 -14.96
CA LEU C 101 12.96 17.34 -14.91
C LEU C 101 11.73 16.96 -14.08
N LYS C 102 11.10 15.88 -14.49
CA LYS C 102 10.02 15.29 -13.73
C LYS C 102 10.04 13.79 -13.98
N LEU C 103 9.48 13.04 -13.04
CA LEU C 103 9.47 11.60 -13.14
C LEU C 103 8.47 11.14 -14.17
N SER C 104 8.77 10.00 -14.77
CA SER C 104 7.84 9.35 -15.66
C SER C 104 6.99 8.49 -14.73
N LYS C 105 5.96 7.84 -15.26
CA LYS C 105 5.14 6.94 -14.46
C LYS C 105 6.00 5.82 -13.85
N LYS C 106 6.91 5.26 -14.65
CA LYS C 106 7.82 4.22 -14.19
C LYS C 106 8.68 4.72 -13.05
N GLY C 107 9.14 5.96 -13.14
CA GLY C 107 9.90 6.56 -12.06
C GLY C 107 9.05 6.78 -10.81
N GLU C 108 7.79 7.18 -10.99
CA GLU C 108 6.93 7.38 -9.82
C GLU C 108 6.73 6.05 -9.09
N ASP C 109 6.43 5.00 -9.86
CA ASP C 109 6.23 3.67 -9.32
C ASP C 109 7.43 3.23 -8.50
N LEU C 110 8.63 3.38 -9.03
CA LEU C 110 9.84 3.00 -8.28
C LEU C 110 10.07 3.87 -7.04
N SER C 111 9.70 5.16 -7.11
CA SER C 111 9.84 6.03 -5.94
C SER C 111 8.95 5.52 -4.79
N LYS C 112 7.71 5.17 -5.12
CA LYS C 112 6.78 4.61 -4.14
C LYS C 112 7.25 3.30 -3.50
N ARG C 113 7.96 2.48 -4.27
CA ARG C 113 8.51 1.23 -3.75
C ARG C 113 9.71 1.50 -2.85
N SER C 114 10.41 2.59 -3.10
CA SER C 114 11.57 2.94 -2.28
CA SER C 114 11.57 2.95 -2.28
C SER C 114 11.14 3.32 -0.86
N THR C 115 10.02 4.03 -0.76
CA THR C 115 9.47 4.49 0.50
C THR C 115 8.70 3.38 1.25
N ALA C 116 7.86 2.62 0.55
CA ALA C 116 7.17 1.49 1.19
C ALA C 116 8.14 0.33 1.16
N ASN C 117 9.21 0.43 1.96
CA ASN C 117 10.27 -0.55 1.98
C ASN C 117 9.84 -1.91 2.48
N ALA C 118 9.58 -2.80 1.54
CA ALA C 118 9.09 -4.13 1.85
C ALA C 118 10.04 -4.94 2.73
N PHE C 119 11.35 -4.66 2.67
CA PHE C 119 12.33 -5.38 3.50
C PHE C 119 12.35 -4.91 4.95
N MSE C 120 12.00 -3.65 5.20
CA MSE C 120 11.91 -3.14 6.56
C MSE C 120 10.62 -3.65 7.19
O MSE C 120 10.59 -3.98 8.37
CB MSE C 120 11.98 -1.60 6.57
CG MSE C 120 12.06 -0.95 7.97
SE MSE C 120 13.42 -1.60 9.26
CE MSE C 120 13.19 -0.36 10.66
N TYR C 121 9.55 -3.70 6.41
CA TYR C 121 8.29 -4.24 6.90
C TYR C 121 8.40 -5.66 7.36
N LYS C 122 8.98 -6.51 6.52
CA LYS C 122 9.11 -7.91 6.88
C LYS C 122 9.93 -8.06 8.14
N ALA C 123 10.93 -7.21 8.34
CA ALA C 123 11.75 -7.31 9.55
C ALA C 123 11.04 -6.85 10.84
N MSE C 124 10.13 -5.88 10.71
CA MSE C 124 9.39 -5.34 11.85
C MSE C 124 8.20 -6.24 12.17
O MSE C 124 7.69 -6.26 13.27
CB MSE C 124 8.89 -3.92 11.54
CG MSE C 124 8.43 -3.13 12.76
SE MSE C 124 9.80 -2.88 14.12
CE MSE C 124 11.08 -2.34 13.11
N MSE C 125 7.77 -7.01 11.18
CA MSE C 125 6.68 -7.95 11.34
C MSE C 125 7.24 -9.06 12.21
O MSE C 125 6.58 -9.50 13.14
CB MSE C 125 6.21 -8.44 9.99
CG MSE C 125 4.74 -8.74 9.86
SE MSE C 125 4.28 -8.72 7.94
CE MSE C 125 4.54 -6.74 7.52
N LYS C 126 8.46 -9.48 11.93
CA LYS C 126 9.11 -10.50 12.77
C LYS C 126 9.30 -9.98 14.20
N VAL C 127 9.69 -8.72 14.35
CA VAL C 127 9.88 -8.13 15.66
C VAL C 127 8.56 -8.16 16.43
N PHE C 128 7.48 -7.81 15.74
CA PHE C 128 6.15 -7.72 16.32
C PHE C 128 5.58 -9.06 16.78
N GLU C 129 6.07 -10.15 16.20
CA GLU C 129 5.67 -11.46 16.67
C GLU C 129 6.20 -11.67 18.09
N ASN C 130 7.31 -11.02 18.46
CA ASN C 130 7.91 -11.15 19.80
C ASN C 130 7.55 -10.05 20.82
N LEU C 131 6.50 -9.30 20.51
CA LEU C 131 5.99 -8.22 21.38
C LEU C 131 4.51 -8.47 21.63
N THR C 132 4.02 -8.01 22.78
CA THR C 132 2.61 -8.17 23.09
C THR C 132 1.85 -7.05 22.39
N GLU C 133 0.54 -7.20 22.25
CA GLU C 133 -0.28 -6.15 21.65
C GLU C 133 -0.16 -4.86 22.45
N ASN C 134 -0.14 -4.96 23.78
CA ASN C 134 0.01 -3.79 24.65
C ASN C 134 1.38 -3.09 24.48
N GLU C 135 2.43 -3.86 24.19
CA GLU C 135 3.75 -3.27 23.96
C GLU C 135 3.80 -2.47 22.67
N ILE C 136 3.23 -3.04 21.62
CA ILE C 136 3.14 -2.42 20.31
C ILE C 136 2.35 -1.11 20.41
N GLU C 137 1.23 -1.14 21.13
CA GLU C 137 0.42 0.07 21.34
C GLU C 137 1.18 1.15 22.08
N GLU C 138 1.98 0.77 23.07
CA GLU C 138 2.73 1.74 23.85
C GLU C 138 3.98 2.26 23.13
N LEU C 139 4.67 1.38 22.43
CA LEU C 139 5.82 1.77 21.63
C LEU C 139 5.39 2.86 20.66
N ILE C 140 4.30 2.62 19.96
CA ILE C 140 3.76 3.58 19.01
C ILE C 140 3.30 4.84 19.72
N ARG C 141 2.67 4.71 20.88
CA ARG C 141 2.16 5.89 21.60
C ARG C 141 3.25 6.76 22.19
N LEU C 142 4.28 6.13 22.76
CA LEU C 142 5.39 6.84 23.37
C LEU C 142 6.38 7.48 22.37
N ASN C 143 6.69 6.80 21.28
CA ASN C 143 7.55 7.40 20.24
C ASN C 143 6.83 8.56 19.57
N LYS C 144 5.51 8.43 19.43
CA LYS C 144 4.71 9.48 18.82
C LYS C 144 4.66 10.69 19.75
N LYS C 145 4.78 10.46 21.05
CA LYS C 145 4.78 11.53 22.03
C LYS C 145 6.12 12.25 22.02
N VAL C 146 7.19 11.51 21.80
CA VAL C 146 8.53 12.08 21.65
C VAL C 146 8.54 12.93 20.40
N GLU C 147 8.09 12.38 19.28
CA GLU C 147 8.08 13.13 18.04
C GLU C 147 7.37 14.47 18.23
N THR C 148 6.14 14.41 18.73
CA THR C 148 5.31 15.60 18.89
C THR C 148 5.95 16.58 19.85
N LEU C 149 6.55 16.09 20.93
CA LEU C 149 7.23 16.98 21.86
C LEU C 149 8.44 17.63 21.22
N LEU C 150 9.20 16.87 20.42
CA LEU C 150 10.37 17.41 19.71
C LEU C 150 9.99 18.49 18.70
N LYS C 151 8.81 18.36 18.09
CA LYS C 151 8.29 19.34 17.14
C LYS C 151 7.79 20.67 17.79
N LYS C 152 7.82 20.75 19.12
CA LYS C 152 7.39 21.95 19.86
C LYS C 152 8.57 22.56 20.63
N THR D 7 -4.61 -3.41 12.26
CA THR D 7 -3.76 -4.51 11.71
C THR D 7 -2.30 -4.26 12.04
N ASP D 8 -1.48 -5.31 11.96
CA ASP D 8 -0.06 -5.18 12.23
C ASP D 8 0.60 -4.28 11.18
N THR D 9 0.13 -4.36 9.94
CA THR D 9 0.66 -3.53 8.86
C THR D 9 0.43 -2.04 9.15
N GLU D 10 -0.77 -1.67 9.56
CA GLU D 10 -1.05 -0.27 9.91
C GLU D 10 -0.19 0.16 11.09
N ASN D 11 0.03 -0.73 12.05
CA ASN D 11 0.87 -0.42 13.21
C ASN D 11 2.34 -0.29 12.83
N ILE D 12 2.82 -1.19 11.97
CA ILE D 12 4.20 -1.13 11.52
C ILE D 12 4.43 0.19 10.78
N SER D 13 3.51 0.58 9.90
CA SER D 13 3.70 1.82 9.14
C SER D 13 3.72 3.06 10.05
N GLU D 14 2.89 3.05 11.10
CA GLU D 14 2.84 4.17 12.02
C GLU D 14 4.13 4.23 12.81
N LEU D 15 4.62 3.09 13.27
CA LEU D 15 5.88 3.06 14.00
C LEU D 15 7.08 3.47 13.14
N LEU D 16 7.10 3.03 11.88
CA LEU D 16 8.18 3.36 10.95
C LEU D 16 8.15 4.84 10.57
N LYS D 17 6.96 5.38 10.31
CA LYS D 17 6.86 6.80 10.00
C LYS D 17 7.32 7.61 11.20
N THR D 18 6.96 7.18 12.40
CA THR D 18 7.41 7.89 13.60
C THR D 18 8.92 7.86 13.75
N TYR D 19 9.53 6.69 13.60
CA TYR D 19 11.00 6.61 13.72
C TYR D 19 11.68 7.49 12.65
N TRP D 20 11.10 7.54 11.45
CA TRP D 20 11.62 8.35 10.38
C TRP D 20 11.55 9.84 10.70
N SER D 21 10.43 10.28 11.24
CA SER D 21 10.27 11.67 11.65
C SER D 21 11.21 12.02 12.79
N ILE D 22 11.38 11.10 13.74
CA ILE D 22 12.33 11.35 14.83
C ILE D 22 13.72 11.55 14.24
N GLN D 23 14.12 10.69 13.30
CA GLN D 23 15.41 10.83 12.63
C GLN D 23 15.54 12.13 11.84
N ARG D 24 14.46 12.57 11.17
CA ARG D 24 14.52 13.81 10.41
C ARG D 24 14.79 15.00 11.33
N ILE D 25 14.10 15.03 12.47
CA ILE D 25 14.32 16.07 13.49
C ILE D 25 15.73 16.00 14.10
N SER D 26 16.24 14.78 14.29
CA SER D 26 17.57 14.56 14.88
C SER D 26 18.68 15.01 13.95
N ALA D 27 18.41 14.93 12.65
CA ALA D 27 19.35 15.37 11.63
C ALA D 27 19.39 16.92 11.60
N GLY D 28 18.27 17.57 11.92
CA GLY D 28 18.23 19.02 12.04
C GLY D 28 19.12 19.49 13.18
N TYR D 29 19.15 18.74 14.29
CA TYR D 29 20.03 19.05 15.41
C TYR D 29 21.47 18.67 15.10
N ALA D 30 21.64 17.69 14.23
CA ALA D 30 22.99 17.29 13.79
C ALA D 30 23.55 18.44 12.95
N ASP D 31 22.72 19.06 12.11
CA ASP D 31 23.15 20.22 11.33
C ASP D 31 23.56 21.39 12.24
N GLN D 32 22.77 21.67 13.26
CA GLN D 32 23.06 22.74 14.20
C GLN D 32 24.32 22.46 14.97
N ASN D 33 24.52 21.21 15.33
CA ASN D 33 25.70 20.85 16.07
C ASN D 33 26.90 21.02 15.16
N ALA D 34 26.78 20.55 13.91
CA ALA D 34 27.87 20.64 12.96
C ALA D 34 28.27 22.09 12.75
N ALA D 35 27.30 22.96 12.48
CA ALA D 35 27.57 24.39 12.35
C ALA D 35 28.30 24.94 13.57
N SER D 36 27.92 24.48 14.77
CA SER D 36 28.57 24.94 16.01
C SER D 36 30.01 24.43 16.18
N LEU D 37 30.40 23.43 15.40
CA LEU D 37 31.79 22.92 15.45
C LEU D 37 32.63 23.50 14.30
N GLY D 38 31.96 24.23 13.40
CA GLY D 38 32.61 24.88 12.26
C GLY D 38 32.78 23.97 11.04
N LEU D 39 32.05 22.86 11.00
CA LEU D 39 32.19 21.87 9.93
C LEU D 39 30.87 21.53 9.26
N THR D 40 30.95 21.03 8.04
CA THR D 40 29.76 20.57 7.35
C THR D 40 29.49 19.16 7.79
N ILE D 41 28.30 18.68 7.48
CA ILE D 41 27.88 17.32 7.78
C ILE D 41 28.84 16.35 7.10
N GLN D 42 29.20 16.63 5.86
CA GLN D 42 30.10 15.75 5.11
C GLN D 42 31.47 15.68 5.76
N GLN D 43 31.98 16.81 6.23
CA GLN D 43 33.28 16.88 6.92
C GLN D 43 33.32 16.05 8.19
N LEU D 44 32.22 16.06 8.93
CA LEU D 44 32.09 15.25 10.13
C LEU D 44 32.01 13.77 9.79
N ALA D 45 31.28 13.41 8.74
CA ALA D 45 31.22 12.01 8.30
C ALA D 45 32.60 11.47 8.01
N MSE D 46 33.42 12.30 7.36
CA MSE D 46 34.77 11.94 7.03
C MSE D 46 35.63 11.84 8.27
O MSE D 46 36.35 10.88 8.46
CB MSE D 46 35.35 12.97 6.07
CG MSE D 46 36.75 12.62 5.67
SE MSE D 46 37.47 13.81 4.44
CE MSE D 46 36.14 13.68 3.19
N ILE D 47 35.54 12.82 9.14
CA ILE D 47 36.24 12.77 10.43
C ILE D 47 35.85 11.48 11.22
N ASN D 48 34.56 11.14 11.25
CA ASN D 48 34.11 9.95 11.98
C ASN D 48 34.61 8.61 11.36
N VAL D 49 34.67 8.54 10.04
CA VAL D 49 35.21 7.36 9.36
C VAL D 49 36.69 7.23 9.67
N ILE D 50 37.42 8.35 9.65
CA ILE D 50 38.88 8.34 9.94
C ILE D 50 39.14 7.98 11.38
N TYR D 51 38.26 8.43 12.27
CA TYR D 51 38.41 8.13 13.68
C TYR D 51 38.30 6.63 13.95
N SER D 52 37.25 6.03 13.38
CA SER D 52 36.97 4.61 13.54
C SER D 52 37.92 3.69 12.77
N THR D 53 38.47 4.18 11.66
CA THR D 53 39.40 3.39 10.84
C THR D 53 40.68 4.16 10.61
N PRO D 54 41.50 4.31 11.66
CA PRO D 54 42.74 5.04 11.50
C PRO D 54 43.71 4.33 10.58
N GLY D 55 44.33 5.10 9.68
CA GLY D 55 45.23 4.59 8.69
C GLY D 55 44.51 4.31 7.39
N ILE D 56 43.23 4.68 7.33
CA ILE D 56 42.45 4.48 6.13
C ILE D 56 43.08 5.27 5.00
N SER D 57 43.06 4.70 3.80
CA SER D 57 43.60 5.37 2.64
C SER D 57 42.51 6.27 2.08
N VAL D 58 42.91 7.31 1.36
CA VAL D 58 41.94 8.19 0.72
C VAL D 58 41.05 7.36 -0.21
N ALA D 59 41.64 6.44 -0.97
CA ALA D 59 40.89 5.56 -1.88
C ALA D 59 39.72 4.86 -1.18
N ASP D 60 40.01 4.24 -0.04
CA ASP D 60 38.99 3.55 0.74
C ASP D 60 38.06 4.55 1.39
N LEU D 61 38.61 5.69 1.79
CA LEU D 61 37.79 6.73 2.39
C LEU D 61 36.71 7.24 1.42
N THR D 62 37.05 7.42 0.14
CA THR D 62 36.09 7.93 -0.86
C THR D 62 34.94 6.96 -1.12
N LYS D 63 35.29 5.69 -1.32
CA LYS D 63 34.31 4.65 -1.59
C LYS D 63 33.43 4.42 -0.35
N ARG D 64 34.01 4.56 0.84
CA ARG D 64 33.22 4.45 2.08
C ARG D 64 32.17 5.57 2.15
N LEU D 65 32.60 6.81 1.90
CA LEU D 65 31.67 7.95 1.94
C LEU D 65 30.74 7.99 0.72
N ILE D 66 31.19 7.35 -0.36
CA ILE D 66 30.46 7.25 -1.61
C ILE D 66 30.45 8.64 -2.27
N ILE D 67 31.65 9.18 -2.42
CA ILE D 67 31.85 10.47 -3.04
C ILE D 67 32.91 10.30 -4.11
N THR D 68 33.12 11.34 -4.90
CA THR D 68 34.11 11.29 -5.98
C THR D 68 35.49 11.47 -5.39
N GLY D 69 36.50 10.99 -6.12
CA GLY D 69 37.88 11.10 -5.68
C GLY D 69 38.40 12.53 -5.69
N SER D 70 37.76 13.38 -6.49
CA SER D 70 38.12 14.79 -6.56
C SER D 70 37.63 15.50 -5.33
N SER D 71 36.36 15.28 -4.98
CA SER D 71 35.74 15.87 -3.81
C SER D 71 36.38 15.32 -2.55
N ALA D 72 36.62 14.01 -2.51
CA ALA D 72 37.24 13.39 -1.35
C ALA D 72 38.62 13.95 -1.08
N ALA D 73 39.40 14.14 -2.13
CA ALA D 73 40.76 14.70 -2.02
C ALA D 73 40.72 16.17 -1.63
N ALA D 74 39.78 16.92 -2.19
CA ALA D 74 39.56 18.32 -1.82
C ALA D 74 39.23 18.43 -0.34
N ASN D 75 38.29 17.60 0.13
CA ASN D 75 37.89 17.57 1.53
C ASN D 75 38.98 17.11 2.46
N VAL D 76 39.80 16.17 1.99
CA VAL D 76 40.91 15.70 2.81
C VAL D 76 41.90 16.83 3.03
N ASP D 77 42.26 17.55 1.98
CA ASP D 77 43.18 18.66 2.12
C ASP D 77 42.65 19.73 3.07
N GLY D 78 41.34 19.97 3.01
CA GLY D 78 40.67 20.91 3.92
C GLY D 78 40.84 20.53 5.39
N LEU D 79 40.68 19.25 5.72
CA LEU D 79 40.79 18.79 7.10
C LEU D 79 42.21 18.87 7.55
N ILE D 80 43.13 18.66 6.61
CA ILE D 80 44.55 18.81 6.91
C ILE D 80 44.81 20.30 7.14
N SER D 81 44.22 21.18 6.32
CA SER D 81 44.42 22.63 6.49
C SER D 81 43.90 23.13 7.85
N LEU D 82 42.84 22.52 8.36
CA LEU D 82 42.31 22.88 9.68
C LEU D 82 43.02 22.15 10.83
N GLY D 83 43.97 21.28 10.51
CA GLY D 83 44.70 20.51 11.52
C GLY D 83 43.87 19.42 12.16
N LEU D 84 42.86 18.90 11.47
CA LEU D 84 42.00 17.87 12.07
C LEU D 84 42.43 16.46 11.72
N VAL D 85 43.30 16.36 10.71
CA VAL D 85 43.78 15.10 10.16
C VAL D 85 45.22 15.28 9.74
N VAL D 86 46.02 14.25 9.98
CA VAL D 86 47.41 14.28 9.59
C VAL D 86 47.73 13.12 8.61
N LYS D 87 48.77 13.32 7.81
CA LYS D 87 49.22 12.31 6.87
C LYS D 87 50.10 11.27 7.57
N LEU D 88 49.98 10.03 7.10
CA LEU D 88 50.83 8.90 7.54
C LEU D 88 51.57 8.33 6.32
N MSE D 97 45.49 9.15 -3.89
CA MSE D 97 44.61 8.06 -3.47
C MSE D 97 45.29 7.06 -2.55
O MSE D 97 44.61 6.24 -1.93
CB MSE D 97 44.10 7.28 -4.69
CG MSE D 97 43.24 8.07 -5.63
SE MSE D 97 41.79 8.96 -4.72
CE MSE D 97 42.68 10.67 -4.21
N ASP D 98 46.62 7.12 -2.47
CA ASP D 98 47.40 6.20 -1.62
C ASP D 98 47.87 6.87 -0.32
N LEU D 99 47.27 7.99 0.03
CA LEU D 99 47.58 8.70 1.26
C LEU D 99 46.80 8.07 2.41
N THR D 100 47.48 7.90 3.55
CA THR D 100 46.87 7.30 4.75
C THR D 100 46.69 8.36 5.84
N LEU D 101 45.54 8.34 6.50
CA LEU D 101 45.14 9.39 7.41
C LEU D 101 44.75 8.92 8.78
N LYS D 102 44.97 9.78 9.76
CA LYS D 102 44.50 9.57 11.11
C LYS D 102 44.19 10.95 11.70
N LEU D 103 43.18 11.01 12.56
CA LEU D 103 42.77 12.27 13.17
C LEU D 103 43.82 12.75 14.12
N SER D 104 43.94 14.07 14.24
CA SER D 104 44.83 14.71 15.21
C SER D 104 44.04 14.72 16.54
N LYS D 105 44.64 15.27 17.60
CA LYS D 105 43.92 15.37 18.87
C LYS D 105 42.72 16.32 18.75
N LYS D 106 42.91 17.39 17.99
CA LYS D 106 41.85 18.36 17.74
C LYS D 106 40.73 17.70 16.97
N GLY D 107 41.07 16.85 16.01
CA GLY D 107 40.11 16.12 15.25
C GLY D 107 39.31 15.18 16.13
N GLU D 108 39.97 14.47 17.03
CA GLU D 108 39.28 13.56 17.95
C GLU D 108 38.27 14.29 18.80
N ASP D 109 38.70 15.42 19.35
CA ASP D 109 37.88 16.25 20.21
C ASP D 109 36.58 16.68 19.53
N LEU D 110 36.66 17.09 18.26
CA LEU D 110 35.47 17.51 17.52
C LEU D 110 34.59 16.31 17.17
N SER D 111 35.18 15.14 17.00
CA SER D 111 34.40 13.94 16.70
C SER D 111 33.51 13.62 17.89
N LYS D 112 34.10 13.69 19.08
CA LYS D 112 33.38 13.47 20.34
C LYS D 112 32.17 14.43 20.48
N ARG D 113 32.38 15.71 20.20
CA ARG D 113 31.29 16.69 20.29
C ARG D 113 30.27 16.49 19.17
N SER D 114 30.69 15.83 18.09
CA SER D 114 29.77 15.50 16.98
C SER D 114 28.81 14.40 17.45
N THR D 115 29.36 13.44 18.19
CA THR D 115 28.59 12.29 18.71
C THR D 115 27.76 12.69 19.93
N ALA D 116 28.42 13.25 20.94
CA ALA D 116 27.73 13.77 22.13
C ALA D 116 27.11 15.11 21.77
N ASN D 117 26.05 15.07 20.96
CA ASN D 117 25.42 16.29 20.46
C ASN D 117 24.68 17.06 21.54
N ALA D 118 25.27 18.18 21.98
CA ALA D 118 24.69 19.00 23.02
C ALA D 118 23.28 19.50 22.70
N PHE D 119 23.05 19.87 21.44
CA PHE D 119 21.76 20.39 21.01
C PHE D 119 20.67 19.34 21.11
N MSE D 120 21.00 18.12 20.69
CA MSE D 120 20.11 16.98 20.78
C MSE D 120 19.81 16.61 22.25
O MSE D 120 18.69 16.26 22.57
CB MSE D 120 20.73 15.78 20.05
CG MSE D 120 19.88 14.52 20.00
SE MSE D 120 18.09 14.89 19.28
CE MSE D 120 17.41 13.14 19.11
N TYR D 121 20.81 16.67 23.13
CA TYR D 121 20.58 16.37 24.54
C TYR D 121 19.67 17.38 25.18
N LYS D 122 19.95 18.65 24.94
CA LYS D 122 19.15 19.71 25.50
C LYS D 122 17.70 19.56 25.07
N ALA D 123 17.47 19.21 23.79
CA ALA D 123 16.12 19.02 23.30
C ALA D 123 15.41 17.78 23.83
N MSE D 124 16.17 16.73 24.16
CA MSE D 124 15.58 15.50 24.74
C MSE D 124 15.39 15.68 26.25
O MSE D 124 14.50 15.08 26.85
CB MSE D 124 16.44 14.28 24.42
CG MSE D 124 15.73 12.96 24.66
SE MSE D 124 14.17 12.69 23.54
CE MSE D 124 15.03 12.71 21.96
N MSE D 125 16.22 16.51 26.87
CA MSE D 125 16.04 16.88 28.25
C MSE D 125 14.69 17.60 28.35
O MSE D 125 13.93 17.35 29.28
CB MSE D 125 17.15 17.79 28.73
N LYS D 126 14.39 18.47 27.39
CA LYS D 126 13.09 19.18 27.38
C LYS D 126 11.91 18.26 27.05
N VAL D 127 12.16 17.21 26.26
CA VAL D 127 11.11 16.22 26.00
C VAL D 127 10.83 15.41 27.28
N PHE D 128 11.89 15.02 27.98
CA PHE D 128 11.76 14.23 29.20
C PHE D 128 10.97 14.93 30.31
N GLU D 129 11.10 16.26 30.40
CA GLU D 129 10.36 17.08 31.36
C GLU D 129 8.86 17.01 31.15
N ASN D 130 8.45 16.58 29.96
CA ASN D 130 7.05 16.41 29.58
C ASN D 130 6.63 14.94 29.42
N LEU D 131 7.40 14.05 30.03
CA LEU D 131 7.09 12.62 30.11
C LEU D 131 7.13 12.21 31.57
N THR D 132 6.41 11.16 31.93
CA THR D 132 6.36 10.69 33.31
C THR D 132 7.51 9.74 33.52
N GLU D 133 7.89 9.49 34.76
CA GLU D 133 8.94 8.52 35.05
C GLU D 133 8.58 7.14 34.46
N ASN D 134 7.31 6.76 34.56
CA ASN D 134 6.87 5.48 34.00
C ASN D 134 6.97 5.44 32.47
N GLU D 135 6.63 6.55 31.81
CA GLU D 135 6.70 6.65 30.34
C GLU D 135 8.15 6.57 29.87
N ILE D 136 9.02 7.28 30.56
CA ILE D 136 10.44 7.26 30.25
C ILE D 136 11.00 5.85 30.39
N GLU D 137 10.68 5.18 31.49
CA GLU D 137 11.19 3.84 31.75
C GLU D 137 10.75 2.89 30.64
N GLU D 138 9.51 3.04 30.19
CA GLU D 138 8.99 2.14 29.19
C GLU D 138 9.44 2.46 27.76
N LEU D 139 9.55 3.74 27.43
CA LEU D 139 10.02 4.20 26.12
C LEU D 139 11.36 3.59 25.82
N ILE D 140 12.25 3.66 26.82
CA ILE D 140 13.58 3.09 26.70
C ILE D 140 13.53 1.57 26.60
N ARG D 141 12.87 0.89 27.54
CA ARG D 141 12.80 -0.57 27.51
C ARG D 141 12.29 -1.10 26.18
N LEU D 142 11.16 -0.54 25.72
CA LEU D 142 10.51 -1.00 24.50
C LEU D 142 11.30 -0.76 23.21
N ASN D 143 11.89 0.42 23.06
CA ASN D 143 12.73 0.70 21.89
C ASN D 143 13.97 -0.19 21.92
N LYS D 144 14.44 -0.51 23.12
CA LYS D 144 15.60 -1.40 23.27
C LYS D 144 15.26 -2.84 22.89
N LYS D 145 14.01 -3.24 23.11
CA LYS D 145 13.53 -4.57 22.76
C LYS D 145 13.35 -4.64 21.24
N VAL D 146 12.93 -3.54 20.63
CA VAL D 146 12.82 -3.48 19.19
C VAL D 146 14.22 -3.63 18.61
N GLU D 147 15.18 -2.88 19.13
CA GLU D 147 16.57 -2.95 18.68
C GLU D 147 17.11 -4.35 18.77
N THR D 148 16.89 -4.98 19.92
CA THR D 148 17.35 -6.34 20.23
C THR D 148 16.75 -7.38 19.32
N LEU D 149 15.45 -7.28 19.06
CA LEU D 149 14.79 -8.21 18.18
C LEU D 149 15.26 -8.02 16.73
N LEU D 150 15.54 -6.78 16.36
CA LEU D 150 16.05 -6.47 15.01
C LEU D 150 17.43 -7.10 14.80
N LYS D 151 18.28 -7.05 15.81
CA LYS D 151 19.60 -7.65 15.70
C LYS D 151 19.58 -9.18 15.63
N LYS D 152 18.54 -9.81 16.18
CA LYS D 152 18.43 -11.27 16.13
C LYS D 152 18.15 -11.82 14.71
N SER D 153 17.45 -11.05 13.88
CA SER D 153 17.13 -11.48 12.51
C SER D 153 18.32 -11.24 11.57
N GLY E 4 -60.41 -23.38 27.38
CA GLY E 4 -60.89 -24.75 27.80
C GLY E 4 -60.12 -25.85 27.11
N ILE E 5 -60.74 -27.03 27.01
CA ILE E 5 -60.14 -28.17 26.33
C ILE E 5 -60.44 -28.10 24.84
N ASN E 6 -59.40 -27.82 24.04
CA ASN E 6 -59.51 -27.71 22.60
C ASN E 6 -58.90 -28.95 21.94
N THR E 7 -58.99 -29.02 20.63
CA THR E 7 -58.40 -30.12 19.90
C THR E 7 -56.92 -29.82 19.75
N ASP E 8 -56.14 -30.85 19.45
CA ASP E 8 -54.70 -30.64 19.26
C ASP E 8 -54.43 -29.65 18.15
N THR E 9 -55.15 -29.77 17.04
CA THR E 9 -54.95 -28.87 15.93
C THR E 9 -55.14 -27.41 16.29
N GLU E 10 -56.22 -27.10 17.01
CA GLU E 10 -56.51 -25.72 17.44
C GLU E 10 -55.42 -25.22 18.37
N ASN E 11 -54.97 -26.07 19.28
CA ASN E 11 -53.92 -25.72 20.23
C ASN E 11 -52.53 -25.61 19.62
N ILE E 12 -52.22 -26.46 18.65
CA ILE E 12 -50.95 -26.41 17.96
C ILE E 12 -50.86 -25.10 17.16
N SER E 13 -51.92 -24.75 16.44
CA SER E 13 -51.95 -23.51 15.68
C SER E 13 -51.83 -22.28 16.56
N GLU E 14 -52.49 -22.28 17.72
CA GLU E 14 -52.41 -21.13 18.62
C GLU E 14 -51.00 -21.01 19.15
N LEU E 15 -50.43 -22.13 19.55
CA LEU E 15 -49.07 -22.11 20.06
C LEU E 15 -48.03 -21.62 19.01
N LEU E 16 -48.17 -22.09 17.78
CA LEU E 16 -47.22 -21.78 16.71
C LEU E 16 -47.36 -20.34 16.28
N LYS E 17 -48.60 -19.86 16.14
CA LYS E 17 -48.85 -18.46 15.86
C LYS E 17 -48.22 -17.56 16.95
N THR E 18 -48.32 -17.99 18.20
CA THR E 18 -47.76 -17.23 19.31
C THR E 18 -46.23 -17.17 19.30
N TYR E 19 -45.58 -18.31 19.08
CA TYR E 19 -44.11 -18.37 18.98
C TYR E 19 -43.63 -17.51 17.79
N TRP E 20 -44.35 -17.56 16.69
CA TRP E 20 -44.02 -16.74 15.54
C TRP E 20 -44.07 -15.26 15.91
N SER E 21 -45.13 -14.86 16.63
CA SER E 21 -45.32 -13.47 17.03
C SER E 21 -44.24 -12.99 18.00
N ILE E 22 -43.80 -13.88 18.88
CA ILE E 22 -42.73 -13.58 19.81
C ILE E 22 -41.42 -13.36 19.05
N GLN E 23 -41.13 -14.26 18.11
CA GLN E 23 -39.91 -14.16 17.30
C GLN E 23 -39.86 -12.88 16.46
N ARG E 24 -41.00 -12.49 15.93
CA ARG E 24 -41.14 -11.27 15.16
C ARG E 24 -40.81 -10.05 16.05
N ILE E 25 -41.34 -10.02 17.26
CA ILE E 25 -41.01 -8.96 18.23
C ILE E 25 -39.53 -8.99 18.57
N SER E 26 -38.98 -10.18 18.81
CA SER E 26 -37.56 -10.35 19.13
C SER E 26 -36.63 -9.82 18.01
N ALA E 27 -37.08 -9.93 16.76
CA ALA E 27 -36.27 -9.50 15.64
C ALA E 27 -36.21 -7.98 15.54
N GLY E 28 -37.25 -7.31 16.04
CA GLY E 28 -37.29 -5.85 16.07
C GLY E 28 -36.32 -5.31 17.10
N TYR E 29 -36.19 -6.05 18.21
CA TYR E 29 -35.21 -5.72 19.24
C TYR E 29 -33.80 -6.09 18.79
N ALA E 30 -33.71 -7.09 17.91
CA ALA E 30 -32.44 -7.50 17.34
C ALA E 30 -31.86 -6.38 16.46
N ASP E 31 -32.74 -5.74 15.69
CA ASP E 31 -32.39 -4.62 14.84
C ASP E 31 -31.95 -3.40 15.64
N GLN E 32 -32.69 -3.08 16.68
CA GLN E 32 -32.30 -2.00 17.58
C GLN E 32 -30.94 -2.31 18.18
N ASN E 33 -30.75 -3.56 18.56
CA ASN E 33 -29.50 -3.96 19.18
C ASN E 33 -28.33 -3.83 18.19
N ALA E 34 -28.56 -4.27 16.95
CA ALA E 34 -27.55 -4.20 15.91
C ALA E 34 -27.15 -2.75 15.68
N ALA E 35 -28.12 -1.84 15.59
CA ALA E 35 -27.84 -0.42 15.43
C ALA E 35 -27.04 0.16 16.59
N SER E 36 -27.43 -0.19 17.82
CA SER E 36 -26.72 0.26 19.03
C SER E 36 -25.27 -0.25 19.02
N LEU E 37 -25.02 -1.35 18.33
CA LEU E 37 -23.65 -1.86 18.17
C LEU E 37 -22.97 -1.30 16.90
N GLY E 38 -23.73 -0.59 16.06
CA GLY E 38 -23.18 0.03 14.85
C GLY E 38 -22.84 -0.93 13.73
N LEU E 39 -23.44 -2.12 13.78
CA LEU E 39 -23.19 -3.13 12.79
C LEU E 39 -24.49 -3.52 12.17
N THR E 40 -24.45 -3.93 10.92
CA THR E 40 -25.64 -4.42 10.26
C THR E 40 -25.90 -5.86 10.66
N ILE E 41 -27.10 -6.34 10.36
CA ILE E 41 -27.48 -7.72 10.62
C ILE E 41 -26.57 -8.70 9.89
N GLN E 42 -26.07 -8.33 8.71
CA GLN E 42 -25.15 -9.17 7.95
C GLN E 42 -23.76 -9.15 8.57
N GLN E 43 -23.34 -7.99 9.02
CA GLN E 43 -22.07 -7.91 9.71
C GLN E 43 -22.04 -8.81 10.94
N LEU E 44 -23.12 -8.78 11.73
CA LEU E 44 -23.20 -9.60 12.95
C LEU E 44 -23.33 -11.09 12.65
N ALA E 45 -24.04 -11.45 11.59
CA ALA E 45 -24.18 -12.84 11.18
C ALA E 45 -22.84 -13.36 10.75
N MSE E 46 -22.08 -12.50 10.07
CA MSE E 46 -20.76 -12.84 9.66
C MSE E 46 -19.85 -13.01 10.86
O MSE E 46 -19.14 -13.97 10.95
CB MSE E 46 -20.19 -11.77 8.75
CG MSE E 46 -18.78 -12.05 8.43
SE MSE E 46 -18.08 -11.01 7.11
CE MSE E 46 -19.38 -11.24 5.81
N ILE E 47 -19.88 -12.02 11.76
CA ILE E 47 -19.13 -12.08 13.02
C ILE E 47 -19.47 -13.32 13.86
N ASN E 48 -20.74 -13.63 14.02
CA ASN E 48 -21.15 -14.80 14.83
C ASN E 48 -20.74 -16.13 14.19
N VAL E 49 -20.75 -16.20 12.86
CA VAL E 49 -20.26 -17.37 12.15
C VAL E 49 -18.76 -17.58 12.44
N ILE E 50 -17.96 -16.51 12.36
CA ILE E 50 -16.50 -16.56 12.63
C ILE E 50 -16.15 -16.91 14.08
N TYR E 51 -16.97 -16.45 15.01
CA TYR E 51 -16.76 -16.69 16.44
C TYR E 51 -16.84 -18.18 16.79
N SER E 52 -17.84 -18.83 16.26
CA SER E 52 -18.09 -20.24 16.49
C SER E 52 -17.32 -21.17 15.54
N THR E 53 -16.57 -20.60 14.60
CA THR E 53 -15.74 -21.40 13.70
C THR E 53 -14.47 -20.63 13.41
N PRO E 54 -13.63 -20.44 14.43
CA PRO E 54 -12.41 -19.72 14.14
C PRO E 54 -11.52 -20.41 13.11
N GLY E 55 -10.92 -19.60 12.26
CA GLY E 55 -10.08 -20.10 11.18
C GLY E 55 -10.87 -20.47 9.96
N ILE E 56 -12.16 -20.13 9.94
CA ILE E 56 -13.00 -20.41 8.79
C ILE E 56 -12.46 -19.62 7.60
N SER E 57 -12.62 -20.18 6.40
CA SER E 57 -12.14 -19.50 5.20
C SER E 57 -13.29 -18.65 4.67
N VAL E 58 -12.92 -17.59 3.95
CA VAL E 58 -13.89 -16.67 3.35
C VAL E 58 -14.78 -17.46 2.37
N ALA E 59 -14.17 -18.42 1.68
CA ALA E 59 -14.90 -19.29 0.75
C ALA E 59 -16.05 -20.02 1.44
N ASP E 60 -15.77 -20.56 2.62
CA ASP E 60 -16.77 -21.29 3.39
C ASP E 60 -17.72 -20.32 4.08
N LEU E 61 -17.20 -19.17 4.49
CA LEU E 61 -18.02 -18.12 5.14
C LEU E 61 -19.07 -17.62 4.15
N THR E 62 -18.63 -17.43 2.92
CA THR E 62 -19.53 -17.04 1.85
C THR E 62 -20.68 -18.04 1.72
N LYS E 63 -20.35 -19.33 1.65
CA LYS E 63 -21.36 -20.40 1.54
C LYS E 63 -22.29 -20.45 2.76
N ARG E 64 -21.70 -20.36 3.95
CA ARG E 64 -22.42 -20.37 5.22
C ARG E 64 -23.48 -19.28 5.24
N LEU E 65 -23.08 -18.08 4.83
CA LEU E 65 -23.94 -16.91 4.83
C LEU E 65 -24.87 -16.88 3.64
N ILE E 66 -24.59 -17.69 2.62
CA ILE E 66 -25.40 -17.77 1.41
C ILE E 66 -25.44 -16.39 0.75
N ILE E 67 -24.28 -15.76 0.67
CA ILE E 67 -24.15 -14.47 -0.01
C ILE E 67 -23.10 -14.64 -1.07
N THR E 68 -23.05 -13.68 -1.99
CA THR E 68 -22.12 -13.72 -3.09
C THR E 68 -20.71 -13.48 -2.54
N GLY E 69 -19.72 -14.00 -3.25
CA GLY E 69 -18.31 -13.84 -2.87
C GLY E 69 -17.85 -12.39 -2.91
N SER E 70 -18.53 -11.60 -3.74
CA SER E 70 -18.26 -10.18 -3.86
C SER E 70 -18.62 -9.47 -2.57
N SER E 71 -19.88 -9.61 -2.15
CA SER E 71 -20.37 -9.01 -0.91
C SER E 71 -19.60 -9.55 0.29
N ALA E 72 -19.28 -10.83 0.26
CA ALA E 72 -18.54 -11.46 1.35
C ALA E 72 -17.17 -10.83 1.55
N ALA E 73 -16.49 -10.58 0.44
CA ALA E 73 -15.16 -9.97 0.45
C ALA E 73 -15.17 -8.51 0.92
N ALA E 74 -16.22 -7.80 0.53
CA ALA E 74 -16.44 -6.42 0.94
C ALA E 74 -16.65 -6.35 2.46
N ASN E 75 -17.53 -7.21 2.95
CA ASN E 75 -17.81 -7.26 4.38
C ASN E 75 -16.63 -7.71 5.24
N VAL E 76 -15.87 -8.68 4.76
CA VAL E 76 -14.65 -9.10 5.48
C VAL E 76 -13.69 -7.93 5.53
N ASP E 77 -13.49 -7.24 4.41
CA ASP E 77 -12.63 -6.05 4.38
C ASP E 77 -13.05 -5.04 5.45
N GLY E 78 -14.35 -4.75 5.51
CA GLY E 78 -14.92 -3.88 6.54
C GLY E 78 -14.69 -4.35 7.98
N LEU E 79 -14.81 -5.65 8.25
CA LEU E 79 -14.58 -6.11 9.63
C LEU E 79 -13.12 -6.01 10.01
N ILE E 80 -12.24 -6.10 9.02
CA ILE E 80 -10.81 -5.94 9.26
C ILE E 80 -10.50 -4.45 9.56
N SER E 81 -11.14 -3.53 8.84
CA SER E 81 -10.97 -2.10 9.09
C SER E 81 -11.42 -1.71 10.50
N LEU E 82 -12.54 -2.25 10.97
CA LEU E 82 -13.05 -1.91 12.29
C LEU E 82 -12.31 -2.64 13.41
N GLY E 83 -11.33 -3.47 13.04
CA GLY E 83 -10.54 -4.23 13.98
C GLY E 83 -11.28 -5.34 14.70
N LEU E 84 -12.29 -5.92 14.03
CA LEU E 84 -13.12 -6.96 14.63
C LEU E 84 -12.76 -8.40 14.25
N VAL E 85 -11.90 -8.59 13.25
CA VAL E 85 -11.49 -9.94 12.81
C VAL E 85 -10.07 -9.87 12.40
N VAL E 86 -9.26 -10.86 12.79
CA VAL E 86 -7.83 -10.87 12.46
C VAL E 86 -7.52 -11.95 11.42
N LYS E 87 -6.82 -11.58 10.36
CA LYS E 87 -6.42 -12.55 9.34
C LYS E 87 -5.37 -13.47 9.96
N LEU E 88 -5.53 -14.77 9.75
CA LEU E 88 -4.57 -15.74 10.31
C LEU E 88 -3.33 -15.99 9.45
N ASN E 89 -3.43 -15.73 8.14
CA ASN E 89 -2.29 -15.83 7.21
C ASN E 89 -1.73 -17.25 7.04
N SER E 96 -8.75 -12.66 -1.23
CA SER E 96 -8.60 -14.06 -1.61
C SER E 96 -9.51 -14.94 -0.77
N MSE E 97 -10.18 -15.89 -1.40
CA MSE E 97 -11.09 -16.80 -0.70
C MSE E 97 -10.39 -17.87 0.16
O MSE E 97 -11.05 -18.66 0.84
CB MSE E 97 -12.03 -17.48 -1.71
N ASP E 98 -9.05 -17.89 0.12
CA ASP E 98 -8.24 -18.81 0.92
C ASP E 98 -7.97 -18.23 2.31
N LEU E 99 -8.27 -16.94 2.46
CA LEU E 99 -8.12 -16.20 3.71
C LEU E 99 -8.88 -16.82 4.89
N THR E 100 -8.16 -17.10 5.99
CA THR E 100 -8.77 -17.64 7.20
C THR E 100 -8.88 -16.53 8.25
N LEU E 101 -10.03 -16.48 8.92
CA LEU E 101 -10.32 -15.42 9.86
C LEU E 101 -10.65 -15.91 11.26
N LYS E 102 -10.33 -15.10 12.26
CA LYS E 102 -10.78 -15.34 13.63
C LYS E 102 -11.12 -13.97 14.21
N LEU E 103 -11.84 -13.91 15.32
CA LEU E 103 -12.23 -12.62 15.88
C LEU E 103 -11.21 -12.04 16.80
N SER E 104 -11.18 -10.71 16.84
CA SER E 104 -10.33 -10.01 17.77
C SER E 104 -11.14 -9.97 19.07
N LYS E 105 -10.50 -9.57 20.16
CA LYS E 105 -11.16 -9.42 21.44
C LYS E 105 -12.40 -8.54 21.30
N LYS E 106 -12.24 -7.44 20.55
CA LYS E 106 -13.29 -6.46 20.29
C LYS E 106 -14.44 -7.07 19.50
N GLY E 107 -14.11 -7.99 18.61
CA GLY E 107 -15.13 -8.68 17.85
C GLY E 107 -15.89 -9.66 18.72
N GLU E 108 -15.20 -10.29 19.67
CA GLU E 108 -15.81 -11.23 20.61
C GLU E 108 -16.76 -10.46 21.49
N ASP E 109 -16.27 -9.35 22.05
CA ASP E 109 -17.09 -8.48 22.88
C ASP E 109 -18.36 -8.09 22.15
N LEU E 110 -18.25 -7.65 20.91
CA LEU E 110 -19.43 -7.27 20.13
C LEU E 110 -20.35 -8.46 19.82
N SER E 111 -19.76 -9.62 19.60
CA SER E 111 -20.52 -10.83 19.38
C SER E 111 -21.35 -11.16 20.62
N LYS E 112 -20.73 -11.12 21.80
CA LYS E 112 -21.40 -11.38 23.06
C LYS E 112 -22.61 -10.43 23.28
N ARG E 113 -22.44 -9.16 22.97
CA ARG E 113 -23.53 -8.17 23.12
C ARG E 113 -24.65 -8.37 22.11
N SER E 114 -24.33 -8.97 20.97
CA SER E 114 -25.31 -9.28 19.95
C SER E 114 -26.22 -10.42 20.40
N THR E 115 -25.67 -11.34 21.19
CA THR E 115 -26.38 -12.51 21.68
C THR E 115 -27.05 -12.22 23.01
N ALA E 116 -26.40 -11.41 23.86
CA ALA E 116 -26.99 -10.96 25.13
C ALA E 116 -27.58 -9.62 24.79
N ASN E 117 -28.65 -9.67 24.02
CA ASN E 117 -29.32 -8.47 23.54
C ASN E 117 -29.98 -7.68 24.68
N ALA E 118 -29.31 -6.63 25.12
CA ALA E 118 -29.79 -5.80 26.23
C ALA E 118 -31.18 -5.20 26.00
N PHE E 119 -31.57 -4.97 24.77
CA PHE E 119 -32.91 -4.43 24.47
C PHE E 119 -34.00 -5.47 24.66
N MSE E 120 -33.69 -6.74 24.44
CA MSE E 120 -34.67 -7.82 24.61
C MSE E 120 -34.75 -8.14 26.11
O MSE E 120 -35.83 -8.43 26.60
CB MSE E 120 -34.32 -9.05 23.76
CG MSE E 120 -35.36 -10.19 23.73
SE MSE E 120 -37.29 -9.78 23.32
CE MSE E 120 -37.96 -11.51 23.28
N TYR E 121 -33.63 -8.08 26.84
CA TYR E 121 -33.63 -8.23 28.29
C TYR E 121 -34.44 -7.17 29.03
N LYS E 122 -34.35 -5.93 28.58
CA LYS E 122 -35.13 -4.85 29.19
C LYS E 122 -36.60 -5.08 28.95
N ALA E 123 -36.96 -5.48 27.74
CA ALA E 123 -38.36 -5.75 27.42
C ALA E 123 -38.90 -6.93 28.23
N MSE E 124 -38.09 -7.97 28.41
CA MSE E 124 -38.53 -9.15 29.15
C MSE E 124 -38.57 -8.88 30.67
O MSE E 124 -39.30 -9.55 31.38
CB MSE E 124 -37.64 -10.36 28.82
CG MSE E 124 -38.28 -11.74 29.14
SE MSE E 124 -39.97 -12.14 28.23
CE MSE E 124 -39.42 -11.73 26.61
N MSE E 125 -37.74 -7.96 31.16
CA MSE E 125 -37.83 -7.53 32.55
C MSE E 125 -39.18 -6.85 32.78
O MSE E 125 -39.75 -7.02 33.85
CB MSE E 125 -36.70 -6.56 32.93
CG MSE E 125 -35.38 -7.21 33.31
SE MSE E 125 -33.94 -5.88 33.63
CE MSE E 125 -34.83 -4.75 35.00
N LYS E 126 -39.66 -6.08 31.82
CA LYS E 126 -40.95 -5.41 31.95
CA LYS E 126 -40.95 -5.41 31.94
C LYS E 126 -42.08 -6.43 31.86
N VAL E 127 -41.92 -7.43 31.01
CA VAL E 127 -42.90 -8.51 30.89
C VAL E 127 -43.00 -9.27 32.21
N PHE E 128 -41.84 -9.60 32.79
CA PHE E 128 -41.75 -10.36 34.03
C PHE E 128 -42.29 -9.66 35.27
N GLU E 129 -42.35 -8.32 35.25
CA GLU E 129 -42.92 -7.56 36.37
C GLU E 129 -44.45 -7.71 36.38
N ASN E 130 -45.00 -8.26 35.30
CA ASN E 130 -46.43 -8.48 35.15
C ASN E 130 -46.81 -9.95 35.16
N LEU E 131 -45.87 -10.78 35.61
CA LEU E 131 -46.07 -12.21 35.76
C LEU E 131 -45.70 -12.56 37.20
N THR E 132 -46.34 -13.57 37.77
CA THR E 132 -46.04 -14.00 39.13
C THR E 132 -44.78 -14.82 39.10
N GLU E 133 -44.21 -15.08 40.26
CA GLU E 133 -42.98 -15.87 40.34
C GLU E 133 -43.21 -17.31 39.88
N ASN E 134 -44.42 -17.84 40.07
CA ASN E 134 -44.75 -19.19 39.68
C ASN E 134 -44.98 -19.28 38.16
N GLU E 135 -45.60 -18.27 37.56
CA GLU E 135 -45.81 -18.25 36.11
C GLU E 135 -44.47 -18.22 35.41
N ILE E 136 -43.58 -17.36 35.86
CA ILE E 136 -42.26 -17.29 35.32
C ILE E 136 -41.59 -18.68 35.32
N GLU E 137 -41.64 -19.37 36.47
CA GLU E 137 -41.04 -20.69 36.62
C GLU E 137 -41.64 -21.74 35.70
N GLU E 138 -42.97 -21.69 35.55
CA GLU E 138 -43.72 -22.58 34.65
C GLU E 138 -43.53 -22.26 33.17
N LEU E 139 -43.34 -20.98 32.88
CA LEU E 139 -43.07 -20.56 31.51
C LEU E 139 -41.74 -21.16 31.08
N ILE E 140 -40.74 -21.01 31.93
CA ILE E 140 -39.42 -21.59 31.66
C ILE E 140 -39.46 -23.12 31.57
N ARG E 141 -40.10 -23.79 32.52
CA ARG E 141 -40.18 -25.26 32.54
C ARG E 141 -40.89 -25.85 31.32
N LEU E 142 -42.03 -25.27 30.95
CA LEU E 142 -42.84 -25.79 29.85
C LEU E 142 -42.22 -25.59 28.45
N ASN E 143 -41.70 -24.39 28.18
CA ASN E 143 -40.98 -24.11 26.93
C ASN E 143 -39.69 -24.99 26.82
N LYS E 144 -39.04 -25.22 27.95
CA LYS E 144 -37.89 -26.11 27.99
C LYS E 144 -38.34 -27.55 27.65
N LYS E 145 -39.48 -27.96 28.19
CA LYS E 145 -40.02 -29.28 27.91
C LYS E 145 -40.28 -29.43 26.42
N VAL E 146 -40.86 -28.40 25.83
CA VAL E 146 -41.18 -28.39 24.41
C VAL E 146 -39.90 -28.52 23.58
N GLU E 147 -38.91 -27.74 23.93
CA GLU E 147 -37.61 -27.76 23.27
C GLU E 147 -36.96 -29.15 23.35
N THR E 148 -36.96 -29.73 24.54
CA THR E 148 -36.34 -31.03 24.75
C THR E 148 -37.09 -32.06 23.94
N LEU E 149 -38.42 -32.01 23.97
CA LEU E 149 -39.21 -32.97 23.20
C LEU E 149 -39.01 -32.79 21.70
N LEU E 150 -38.80 -31.56 21.25
CA LEU E 150 -38.53 -31.30 19.84
C LEU E 150 -37.19 -31.91 19.44
N LYS E 151 -36.18 -31.76 20.30
CA LYS E 151 -34.85 -32.30 20.04
C LYS E 151 -34.79 -33.82 19.81
N LYS E 152 -35.74 -34.57 20.39
CA LYS E 152 -35.77 -36.02 20.24
C LYS E 152 -36.30 -36.43 18.87
N THR F 7 -31.12 -13.67 38.98
CA THR F 7 -32.34 -14.49 39.22
C THR F 7 -33.32 -14.14 38.13
N ASP F 8 -33.89 -12.93 38.16
CA ASP F 8 -34.80 -12.50 37.10
C ASP F 8 -33.99 -12.60 35.81
N THR F 9 -32.79 -12.02 35.82
CA THR F 9 -31.87 -12.08 34.70
C THR F 9 -31.53 -13.52 34.30
N GLU F 10 -31.11 -14.36 35.24
CA GLU F 10 -30.80 -15.76 34.94
C GLU F 10 -32.01 -16.46 34.30
N ASN F 11 -33.22 -16.12 34.74
CA ASN F 11 -34.46 -16.68 34.17
C ASN F 11 -34.78 -16.08 32.79
N ILE F 12 -34.43 -14.81 32.60
CA ILE F 12 -34.62 -14.16 31.31
C ILE F 12 -33.73 -14.83 30.29
N SER F 13 -32.49 -15.13 30.69
CA SER F 13 -31.54 -15.81 29.82
C SER F 13 -31.98 -17.21 29.38
N GLU F 14 -32.53 -17.98 30.32
CA GLU F 14 -32.95 -19.33 30.02
C GLU F 14 -34.20 -19.28 29.18
N LEU F 15 -35.08 -18.32 29.46
CA LEU F 15 -36.29 -18.18 28.65
C LEU F 15 -35.92 -17.87 27.19
N LEU F 16 -35.10 -16.85 27.01
CA LEU F 16 -34.62 -16.43 25.70
C LEU F 16 -33.81 -17.51 24.97
N LYS F 17 -32.90 -18.20 25.67
CA LYS F 17 -32.15 -19.28 25.05
C LYS F 17 -33.12 -20.33 24.52
N THR F 18 -34.15 -20.64 25.32
CA THR F 18 -35.15 -21.63 24.94
C THR F 18 -35.98 -21.24 23.73
N TYR F 19 -36.46 -20.00 23.66
CA TYR F 19 -37.22 -19.55 22.49
C TYR F 19 -36.34 -19.58 21.25
N TRP F 20 -35.08 -19.18 21.40
CA TRP F 20 -34.11 -19.19 20.31
C TRP F 20 -33.91 -20.61 19.79
N SER F 21 -33.73 -21.55 20.72
CA SER F 21 -33.57 -22.95 20.37
C SER F 21 -34.80 -23.47 19.65
N ILE F 22 -35.98 -23.11 20.12
CA ILE F 22 -37.21 -23.55 19.48
C ILE F 22 -37.32 -22.99 18.07
N GLN F 23 -36.96 -21.72 17.86
CA GLN F 23 -37.07 -21.08 16.55
C GLN F 23 -36.12 -21.68 15.53
N ARG F 24 -34.95 -22.12 15.99
CA ARG F 24 -33.97 -22.78 15.16
C ARG F 24 -34.52 -24.11 14.70
N ILE F 25 -35.14 -24.87 15.60
CA ILE F 25 -35.71 -26.15 15.23
C ILE F 25 -36.82 -25.92 14.24
N SER F 26 -37.66 -24.92 14.52
CA SER F 26 -38.76 -24.53 13.67
C SER F 26 -38.33 -24.12 12.26
N ALA F 27 -37.15 -23.51 12.18
CA ALA F 27 -36.58 -23.05 10.90
C ALA F 27 -36.22 -24.24 10.03
N GLY F 28 -35.77 -25.33 10.65
CA GLY F 28 -35.45 -26.56 9.95
C GLY F 28 -36.70 -27.12 9.29
N TYR F 29 -37.82 -27.02 10.00
CA TYR F 29 -39.09 -27.49 9.47
C TYR F 29 -39.65 -26.57 8.37
N ALA F 30 -39.34 -25.29 8.45
CA ALA F 30 -39.72 -24.33 7.40
C ALA F 30 -38.89 -24.61 6.14
N ASP F 31 -37.70 -25.16 6.35
CA ASP F 31 -36.78 -25.53 5.29
C ASP F 31 -37.39 -26.73 4.52
N GLN F 32 -37.82 -27.75 5.27
CA GLN F 32 -38.46 -28.94 4.69
C GLN F 32 -39.77 -28.57 3.99
N ASN F 33 -40.54 -27.66 4.57
CA ASN F 33 -41.78 -27.22 3.93
C ASN F 33 -41.47 -26.53 2.58
N ALA F 34 -40.49 -25.62 2.58
CA ALA F 34 -40.06 -24.94 1.36
C ALA F 34 -39.62 -25.96 0.31
N ALA F 35 -38.72 -26.86 0.68
CA ALA F 35 -38.22 -27.92 -0.18
C ALA F 35 -39.32 -28.82 -0.72
N SER F 36 -40.34 -29.12 0.07
CA SER F 36 -41.47 -29.93 -0.43
C SER F 36 -42.24 -29.20 -1.51
N LEU F 37 -42.06 -27.88 -1.60
CA LEU F 37 -42.69 -27.07 -2.64
C LEU F 37 -41.76 -26.78 -3.83
N GLY F 38 -40.50 -27.16 -3.70
CA GLY F 38 -39.48 -27.02 -4.74
C GLY F 38 -38.64 -25.78 -4.66
N LEU F 39 -38.69 -25.10 -3.53
CA LEU F 39 -38.03 -23.83 -3.35
C LEU F 39 -37.07 -23.83 -2.18
N THR F 40 -36.16 -22.86 -2.22
CA THR F 40 -35.29 -22.60 -1.10
C THR F 40 -36.10 -21.69 -0.20
N ILE F 41 -35.62 -21.53 1.01
CA ILE F 41 -36.27 -20.66 1.98
C ILE F 41 -36.25 -19.21 1.45
N GLN F 42 -35.14 -18.83 0.83
CA GLN F 42 -34.99 -17.49 0.30
C GLN F 42 -35.98 -17.26 -0.82
N GLN F 43 -36.16 -18.27 -1.67
CA GLN F 43 -37.14 -18.17 -2.76
C GLN F 43 -38.59 -18.01 -2.29
N LEU F 44 -38.90 -18.71 -1.22
CA LEU F 44 -40.24 -18.66 -0.65
C LEU F 44 -40.50 -17.31 0.03
N ALA F 45 -39.49 -16.75 0.68
CA ALA F 45 -39.57 -15.44 1.30
C ALA F 45 -39.94 -14.41 0.25
N MSE F 46 -39.27 -14.49 -0.88
CA MSE F 46 -39.48 -13.60 -2.00
C MSE F 46 -40.88 -13.70 -2.53
O MSE F 46 -41.54 -12.70 -2.73
CB MSE F 46 -38.49 -13.93 -3.11
CG MSE F 46 -38.53 -12.95 -4.18
SE MSE F 46 -37.18 -13.21 -5.39
CE MSE F 46 -35.62 -12.81 -4.26
N ILE F 47 -41.29 -14.94 -2.78
CA ILE F 47 -42.63 -15.25 -3.22
C ILE F 47 -43.68 -14.65 -2.27
N ASN F 48 -43.48 -14.82 -0.97
CA ASN F 48 -44.42 -14.33 0.03
C ASN F 48 -44.53 -12.79 0.07
N VAL F 49 -43.41 -12.10 -0.13
CA VAL F 49 -43.38 -10.64 -0.19
C VAL F 49 -44.15 -10.15 -1.42
N ILE F 50 -43.94 -10.82 -2.54
CA ILE F 50 -44.62 -10.44 -3.79
C ILE F 50 -46.12 -10.68 -3.65
N TYR F 51 -46.51 -11.65 -2.84
CA TYR F 51 -47.91 -11.94 -2.57
C TYR F 51 -48.51 -10.81 -1.74
N SER F 52 -47.78 -10.41 -0.70
CA SER F 52 -48.24 -9.38 0.23
C SER F 52 -48.16 -7.96 -0.31
N THR F 53 -47.31 -7.74 -1.32
CA THR F 53 -47.12 -6.42 -1.90
C THR F 53 -47.08 -6.51 -3.40
N PRO F 54 -48.19 -6.90 -4.04
CA PRO F 54 -48.25 -6.97 -5.49
C PRO F 54 -47.77 -5.67 -6.13
N GLY F 55 -47.09 -5.79 -7.25
CA GLY F 55 -46.52 -4.63 -7.91
C GLY F 55 -45.27 -4.11 -7.23
N ILE F 56 -44.71 -4.84 -6.27
CA ILE F 56 -43.49 -4.40 -5.61
C ILE F 56 -42.41 -4.32 -6.67
N SER F 57 -41.51 -3.35 -6.54
CA SER F 57 -40.45 -3.22 -7.53
C SER F 57 -39.32 -4.12 -7.06
N VAL F 58 -38.47 -4.50 -8.00
CA VAL F 58 -37.32 -5.35 -7.69
C VAL F 58 -36.37 -4.56 -6.76
N ALA F 59 -36.26 -3.25 -7.00
CA ALA F 59 -35.46 -2.38 -6.15
C ALA F 59 -35.91 -2.47 -4.70
N ASP F 60 -37.22 -2.35 -4.48
CA ASP F 60 -37.79 -2.43 -3.14
C ASP F 60 -37.79 -3.86 -2.60
N LEU F 61 -38.03 -4.83 -3.48
CA LEU F 61 -38.03 -6.23 -3.09
C LEU F 61 -36.68 -6.64 -2.50
N THR F 62 -35.59 -6.17 -3.09
CA THR F 62 -34.24 -6.46 -2.61
C THR F 62 -34.03 -5.92 -1.20
N LYS F 63 -34.27 -4.62 -1.06
CA LYS F 63 -34.05 -3.91 0.21
C LYS F 63 -34.78 -4.61 1.34
N ARG F 64 -36.00 -5.00 1.03
CA ARG F 64 -36.87 -5.69 1.97
C ARG F 64 -36.40 -7.10 2.37
N LEU F 65 -35.72 -7.80 1.46
CA LEU F 65 -35.15 -9.14 1.73
C LEU F 65 -33.75 -9.01 2.33
N ILE F 66 -33.11 -7.86 2.08
CA ILE F 66 -31.78 -7.53 2.56
C ILE F 66 -30.79 -8.40 1.79
N ILE F 67 -30.77 -8.19 0.47
CA ILE F 67 -29.90 -8.90 -0.45
C ILE F 67 -29.42 -7.89 -1.50
N THR F 68 -28.52 -8.32 -2.39
CA THR F 68 -28.02 -7.44 -3.44
C THR F 68 -29.01 -7.42 -4.58
N GLY F 69 -28.87 -6.42 -5.44
CA GLY F 69 -29.72 -6.28 -6.61
C GLY F 69 -29.37 -7.29 -7.69
N SER F 70 -28.14 -7.80 -7.66
CA SER F 70 -27.65 -8.78 -8.62
C SER F 70 -28.21 -10.16 -8.29
N SER F 71 -28.22 -10.49 -7.01
CA SER F 71 -28.74 -11.76 -6.54
C SER F 71 -30.26 -11.76 -6.62
N ALA F 72 -30.87 -10.61 -6.34
CA ALA F 72 -32.31 -10.49 -6.39
C ALA F 72 -32.82 -10.58 -7.82
N ALA F 73 -32.11 -9.96 -8.76
CA ALA F 73 -32.49 -10.03 -10.17
C ALA F 73 -32.38 -11.46 -10.72
N ALA F 74 -31.38 -12.19 -10.23
CA ALA F 74 -31.17 -13.59 -10.60
C ALA F 74 -32.29 -14.46 -10.06
N ASN F 75 -32.57 -14.32 -8.76
CA ASN F 75 -33.67 -15.04 -8.12
C ASN F 75 -34.98 -14.68 -8.71
N VAL F 76 -35.16 -13.39 -9.02
CA VAL F 76 -36.37 -12.95 -9.71
C VAL F 76 -36.45 -13.65 -11.05
N ASP F 77 -35.37 -13.70 -11.80
CA ASP F 77 -35.42 -14.41 -13.11
C ASP F 77 -35.76 -15.90 -12.91
N GLY F 78 -35.22 -16.47 -11.82
CA GLY F 78 -35.51 -17.85 -11.44
C GLY F 78 -36.99 -18.11 -11.22
N LEU F 79 -37.66 -17.24 -10.47
CA LEU F 79 -39.08 -17.42 -10.20
C LEU F 79 -39.89 -17.19 -11.47
N ILE F 80 -39.45 -16.29 -12.34
CA ILE F 80 -40.13 -16.09 -13.63
C ILE F 80 -39.94 -17.34 -14.48
N SER F 81 -38.77 -17.99 -14.39
CA SER F 81 -38.53 -19.20 -15.17
C SER F 81 -39.43 -20.34 -14.75
N LEU F 82 -39.79 -20.41 -13.47
CA LEU F 82 -40.70 -21.45 -12.97
C LEU F 82 -42.18 -21.10 -13.10
N GLY F 83 -42.49 -19.98 -13.75
CA GLY F 83 -43.87 -19.58 -13.95
C GLY F 83 -44.50 -19.15 -12.63
N LEU F 84 -43.71 -18.68 -11.69
CA LEU F 84 -44.26 -18.26 -10.39
C LEU F 84 -44.48 -16.76 -10.27
N VAL F 85 -43.72 -15.95 -11.01
CA VAL F 85 -43.90 -14.51 -10.95
C VAL F 85 -44.08 -13.95 -12.33
N VAL F 86 -44.64 -12.74 -12.38
CA VAL F 86 -44.95 -12.10 -13.64
C VAL F 86 -44.44 -10.67 -13.63
N LYS F 87 -43.84 -10.28 -14.74
CA LYS F 87 -43.31 -8.94 -14.93
C LYS F 87 -44.47 -8.05 -15.30
N LEU F 88 -44.64 -6.91 -14.63
CA LEU F 88 -45.72 -5.95 -14.96
C LEU F 88 -45.20 -4.90 -15.94
N ASN F 89 -44.04 -4.34 -15.60
CA ASN F 89 -43.37 -3.32 -16.40
C ASN F 89 -43.04 -3.78 -17.82
N MSE F 97 -34.17 -3.25 -12.43
CA MSE F 97 -34.31 -2.78 -11.05
C MSE F 97 -35.65 -2.04 -10.87
O MSE F 97 -36.20 -2.01 -9.77
CB MSE F 97 -33.12 -1.87 -10.71
CG MSE F 97 -32.76 -1.79 -9.22
SE MSE F 97 -31.90 -3.42 -8.53
CE MSE F 97 -31.51 -2.86 -6.69
N ASP F 98 -36.17 -1.46 -11.97
CA ASP F 98 -37.47 -0.77 -11.98
C ASP F 98 -38.61 -1.69 -12.43
N LEU F 99 -38.30 -2.98 -12.56
CA LEU F 99 -39.26 -4.00 -12.94
C LEU F 99 -40.23 -4.18 -11.78
N THR F 100 -41.53 -4.23 -12.07
CA THR F 100 -42.56 -4.43 -11.07
C THR F 100 -43.07 -5.86 -11.22
N LEU F 101 -43.57 -6.43 -10.13
CA LEU F 101 -43.90 -7.86 -10.10
C LEU F 101 -45.12 -8.29 -9.32
N LYS F 102 -45.81 -9.30 -9.85
CA LYS F 102 -46.95 -9.93 -9.21
C LYS F 102 -46.83 -11.44 -9.40
N LEU F 103 -47.57 -12.19 -8.61
CA LEU F 103 -47.53 -13.64 -8.73
C LEU F 103 -48.49 -14.08 -9.81
N SER F 104 -48.20 -15.26 -10.36
CA SER F 104 -49.06 -15.92 -11.32
C SER F 104 -49.98 -16.73 -10.43
N LYS F 105 -51.00 -17.41 -10.97
CA LYS F 105 -51.86 -18.26 -10.11
C LYS F 105 -51.04 -19.41 -9.51
N LYS F 106 -50.10 -19.93 -10.28
CA LYS F 106 -49.21 -20.99 -9.82
C LYS F 106 -48.44 -20.51 -8.58
N GLY F 107 -47.95 -19.27 -8.61
CA GLY F 107 -47.25 -18.68 -7.49
C GLY F 107 -48.15 -18.44 -6.29
N GLU F 108 -49.38 -18.00 -6.53
CA GLU F 108 -50.36 -17.81 -5.44
C GLU F 108 -50.70 -19.11 -4.75
N ASP F 109 -50.96 -20.15 -5.55
CA ASP F 109 -51.26 -21.46 -5.01
C ASP F 109 -50.12 -21.89 -4.10
N LEU F 110 -48.90 -21.81 -4.62
CA LEU F 110 -47.68 -22.24 -3.92
C LEU F 110 -47.48 -21.46 -2.63
N SER F 111 -47.65 -20.14 -2.66
CA SER F 111 -47.50 -19.34 -1.45
C SER F 111 -48.54 -19.72 -0.38
N LYS F 112 -49.77 -20.00 -0.81
CA LYS F 112 -50.86 -20.40 0.10
C LYS F 112 -50.61 -21.77 0.72
N ARG F 113 -50.17 -22.73 -0.07
CA ARG F 113 -49.78 -24.05 0.45
C ARG F 113 -48.73 -23.96 1.52
N SER F 114 -47.81 -23.00 1.38
CA SER F 114 -46.70 -22.82 2.30
C SER F 114 -47.10 -22.42 3.72
N THR F 115 -48.32 -21.89 3.87
CA THR F 115 -48.81 -21.46 5.17
C THR F 115 -49.35 -22.60 6.03
N ALA F 116 -49.45 -23.80 5.47
CA ALA F 116 -49.82 -24.96 6.25
C ALA F 116 -48.60 -25.87 6.37
N ASN F 117 -47.69 -25.55 7.27
CA ASN F 117 -46.46 -26.33 7.42
C ASN F 117 -46.75 -27.69 8.04
N ALA F 118 -46.95 -28.69 7.19
CA ALA F 118 -47.24 -30.04 7.65
C ALA F 118 -46.10 -30.70 8.44
N PHE F 119 -44.86 -30.36 8.12
CA PHE F 119 -43.71 -30.92 8.83
C PHE F 119 -43.63 -30.42 10.29
N MSE F 120 -43.89 -29.14 10.49
CA MSE F 120 -43.89 -28.55 11.82
C MSE F 120 -45.04 -29.09 12.63
O MSE F 120 -44.93 -29.39 13.82
CB MSE F 120 -44.07 -27.04 11.75
CG MSE F 120 -44.24 -26.39 13.13
SE MSE F 120 -42.60 -26.31 14.09
CE MSE F 120 -42.09 -24.85 13.23
N TYR F 121 -46.18 -29.17 11.96
CA TYR F 121 -47.37 -29.61 12.56
C TYR F 121 -47.27 -31.04 13.12
N LYS F 122 -46.70 -31.93 12.33
CA LYS F 122 -46.47 -33.30 12.76
C LYS F 122 -45.50 -33.34 13.94
N ALA F 123 -44.50 -32.49 13.92
CA ALA F 123 -43.52 -32.46 15.00
C ALA F 123 -44.13 -32.01 16.34
N MSE F 124 -45.01 -31.02 16.31
CA MSE F 124 -45.64 -30.54 17.52
C MSE F 124 -46.75 -31.51 18.02
O MSE F 124 -47.08 -31.53 19.19
CB MSE F 124 -46.20 -29.13 17.31
CG MSE F 124 -46.49 -28.37 18.59
SE MSE F 124 -44.94 -28.03 19.63
CE MSE F 124 -44.14 -26.72 18.59
N MSE F 125 -47.30 -32.30 17.13
CA MSE F 125 -48.27 -33.32 17.51
C MSE F 125 -47.57 -34.40 18.32
O MSE F 125 -48.13 -34.90 19.29
CB MSE F 125 -48.94 -33.91 16.28
CG MSE F 125 -49.95 -34.96 16.60
SE MSE F 125 -51.01 -35.33 15.05
CE MSE F 125 -52.05 -36.90 15.78
N LYS F 126 -46.35 -34.74 17.95
CA LYS F 126 -45.58 -35.73 18.69
C LYS F 126 -45.14 -35.15 20.04
N VAL F 127 -44.90 -33.84 20.10
CA VAL F 127 -44.56 -33.18 21.36
C VAL F 127 -45.75 -33.27 22.32
N PHE F 128 -46.94 -32.94 21.79
CA PHE F 128 -48.20 -32.92 22.52
C PHE F 128 -48.56 -34.28 23.13
N GLU F 129 -48.17 -35.38 22.48
CA GLU F 129 -48.36 -36.71 23.02
C GLU F 129 -47.65 -36.89 24.36
N ASN F 130 -46.54 -36.15 24.55
CA ASN F 130 -45.76 -36.17 25.77
C ASN F 130 -45.96 -34.96 26.70
N LEU F 131 -47.10 -34.31 26.56
CA LEU F 131 -47.49 -33.18 27.45
C LEU F 131 -48.89 -33.48 27.98
N THR F 132 -49.18 -33.03 29.18
CA THR F 132 -50.50 -33.26 29.80
C THR F 132 -51.43 -32.17 29.29
N GLU F 133 -52.74 -32.38 29.40
CA GLU F 133 -53.70 -31.37 28.97
C GLU F 133 -53.48 -30.07 29.73
N ASN F 134 -53.25 -30.16 31.05
CA ASN F 134 -53.00 -28.97 31.83
C ASN F 134 -51.74 -28.24 31.37
N GLU F 135 -50.70 -28.97 30.98
CA GLU F 135 -49.47 -28.35 30.49
C GLU F 135 -49.65 -27.63 29.18
N ILE F 136 -50.41 -28.21 28.28
CA ILE F 136 -50.69 -27.62 27.00
C ILE F 136 -51.51 -26.35 27.22
N GLU F 137 -52.51 -26.41 28.10
CA GLU F 137 -53.34 -25.24 28.37
C GLU F 137 -52.48 -24.13 28.97
N GLU F 138 -51.57 -24.48 29.87
CA GLU F 138 -50.76 -23.48 30.51
C GLU F 138 -49.66 -22.93 29.63
N LEU F 139 -48.99 -23.80 28.86
CA LEU F 139 -47.94 -23.39 27.93
C LEU F 139 -48.47 -22.31 26.96
N ILE F 140 -49.65 -22.54 26.44
CA ILE F 140 -50.28 -21.59 25.54
C ILE F 140 -50.73 -20.29 26.23
N ARG F 141 -51.27 -20.40 27.45
CA ARG F 141 -51.71 -19.22 28.20
C ARG F 141 -50.55 -18.30 28.56
N LEU F 142 -49.47 -18.91 29.04
CA LEU F 142 -48.27 -18.19 29.46
C LEU F 142 -47.53 -17.52 28.30
N ASN F 143 -47.31 -18.23 27.20
CA ASN F 143 -46.69 -17.63 26.01
C ASN F 143 -47.60 -16.56 25.41
N LYS F 144 -48.93 -16.76 25.45
CA LYS F 144 -49.85 -15.71 25.01
C LYS F 144 -49.74 -14.47 25.93
N LYS F 145 -49.48 -14.70 27.21
CA LYS F 145 -49.29 -13.59 28.16
C LYS F 145 -47.96 -12.86 27.93
N VAL F 146 -46.95 -13.60 27.50
CA VAL F 146 -45.67 -13.01 27.15
C VAL F 146 -45.88 -12.17 25.88
N GLU F 147 -46.46 -12.75 24.84
CA GLU F 147 -46.71 -12.01 23.60
C GLU F 147 -47.46 -10.72 23.86
N THR F 148 -48.56 -10.83 24.60
CA THR F 148 -49.44 -9.71 24.92
C THR F 148 -48.72 -8.58 25.63
N LEU F 149 -47.93 -8.93 26.65
CA LEU F 149 -47.15 -7.95 27.41
C LEU F 149 -46.01 -7.33 26.60
N LEU F 150 -45.44 -8.08 25.65
CA LEU F 150 -44.41 -7.52 24.79
C LEU F 150 -45.00 -6.44 23.89
N LYS F 151 -46.21 -6.65 23.39
CA LYS F 151 -46.87 -5.68 22.52
C LYS F 151 -47.19 -4.33 23.18
N LYS F 152 -47.38 -4.30 24.50
CA LYS F 152 -47.71 -3.04 25.20
C LYS F 152 -46.49 -2.14 25.45
N ASN G 6 0.21 18.02 -11.22
CA ASN G 6 1.19 17.60 -12.28
C ASN G 6 1.21 16.06 -12.44
N THR G 7 1.03 15.33 -11.35
CA THR G 7 0.93 13.85 -11.33
C THR G 7 -0.50 13.48 -11.75
N ASP G 8 -0.69 12.25 -12.27
CA ASP G 8 -2.02 11.75 -12.63
C ASP G 8 -2.94 11.84 -11.41
N THR G 9 -2.47 11.30 -10.29
CA THR G 9 -3.15 11.32 -9.01
C THR G 9 -3.50 12.75 -8.54
N GLU G 10 -2.56 13.69 -8.68
CA GLU G 10 -2.82 15.08 -8.32
C GLU G 10 -3.89 15.68 -9.19
N ASN G 11 -3.87 15.35 -10.48
CA ASN G 11 -4.88 15.82 -11.41
C ASN G 11 -6.27 15.19 -11.13
N ILE G 12 -6.29 13.94 -10.67
CA ILE G 12 -7.56 13.29 -10.32
C ILE G 12 -8.16 14.01 -9.11
N SER G 13 -7.33 14.27 -8.11
CA SER G 13 -7.76 14.96 -6.92
C SER G 13 -8.36 16.34 -7.18
N GLU G 14 -7.75 17.11 -8.09
CA GLU G 14 -8.22 18.46 -8.39
C GLU G 14 -9.56 18.36 -9.12
N LEU G 15 -9.70 17.35 -9.96
CA LEU G 15 -10.96 17.15 -10.64
C LEU G 15 -12.03 16.74 -9.63
N LEU G 16 -11.72 15.78 -8.75
CA LEU G 16 -12.70 15.32 -7.75
C LEU G 16 -13.06 16.41 -6.75
N LYS G 17 -12.07 17.15 -6.27
CA LYS G 17 -12.34 18.27 -5.38
C LYS G 17 -13.22 19.31 -6.07
N THR G 18 -13.00 19.49 -7.38
CA THR G 18 -13.76 20.45 -8.14
C THR G 18 -15.20 20.00 -8.35
N TYR G 19 -15.42 18.73 -8.66
CA TYR G 19 -16.79 18.20 -8.75
C TYR G 19 -17.49 18.26 -7.40
N TRP G 20 -16.76 17.98 -6.34
CA TRP G 20 -17.30 18.01 -4.98
C TRP G 20 -17.78 19.41 -4.61
N SER G 21 -16.96 20.42 -4.94
CA SER G 21 -17.28 21.81 -4.64
C SER G 21 -18.51 22.29 -5.40
N ILE G 22 -18.63 21.87 -6.65
CA ILE G 22 -19.77 22.22 -7.51
C ILE G 22 -21.07 21.59 -7.00
N GLN G 23 -20.99 20.36 -6.50
CA GLN G 23 -22.17 19.69 -5.96
C GLN G 23 -22.62 20.35 -4.66
N ARG G 24 -21.66 20.82 -3.85
CA ARG G 24 -21.98 21.54 -2.61
C ARG G 24 -22.69 22.85 -2.95
N ILE G 25 -22.22 23.55 -3.99
CA ILE G 25 -22.86 24.77 -4.44
C ILE G 25 -24.26 24.42 -4.93
N SER G 26 -24.36 23.33 -5.67
CA SER G 26 -25.63 22.89 -6.17
C SER G 26 -26.64 22.58 -5.07
N ALA G 27 -26.14 22.05 -3.96
CA ALA G 27 -26.95 21.70 -2.80
C ALA G 27 -27.54 22.97 -2.19
N GLY G 28 -26.74 24.03 -2.14
CA GLY G 28 -27.19 25.33 -1.66
C GLY G 28 -28.38 25.79 -2.47
N TYR G 29 -28.31 25.67 -3.80
CA TYR G 29 -29.44 26.03 -4.66
C TYR G 29 -30.62 25.09 -4.56
N ALA G 30 -30.36 23.83 -4.20
CA ALA G 30 -31.44 22.87 -4.02
C ALA G 30 -32.29 23.28 -2.81
N ASP G 31 -31.62 23.72 -1.75
CA ASP G 31 -32.27 24.21 -0.53
C ASP G 31 -33.15 25.42 -0.80
N GLN G 32 -32.62 26.38 -1.55
CA GLN G 32 -33.39 27.56 -1.94
C GLN G 32 -34.60 27.14 -2.75
N ASN G 33 -34.40 26.26 -3.72
CA ASN G 33 -35.49 25.78 -4.57
C ASN G 33 -36.57 25.13 -3.70
N ALA G 34 -36.15 24.26 -2.78
CA ALA G 34 -37.07 23.57 -1.86
C ALA G 34 -37.89 24.56 -1.06
N ALA G 35 -37.22 25.56 -0.47
CA ALA G 35 -37.90 26.59 0.27
C ALA G 35 -38.98 27.28 -0.58
N SER G 36 -38.68 27.55 -1.85
CA SER G 36 -39.62 28.20 -2.79
C SER G 36 -40.82 27.35 -3.16
N LEU G 37 -40.70 26.03 -2.98
CA LEU G 37 -41.80 25.10 -3.23
C LEU G 37 -42.59 24.81 -1.94
N GLY G 38 -42.12 25.34 -0.82
CA GLY G 38 -42.77 25.20 0.48
C GLY G 38 -42.54 23.87 1.16
N LEU G 39 -41.55 23.11 0.68
CA LEU G 39 -41.27 21.77 1.19
C LEU G 39 -39.86 21.63 1.70
N THR G 40 -39.67 20.74 2.66
CA THR G 40 -38.36 20.42 3.15
C THR G 40 -37.74 19.45 2.14
N ILE G 41 -36.44 19.26 2.27
CA ILE G 41 -35.73 18.33 1.40
C ILE G 41 -36.33 16.92 1.55
N GLN G 42 -36.67 16.54 2.78
CA GLN G 42 -37.27 15.24 3.06
C GLN G 42 -38.61 15.06 2.38
N GLN G 43 -39.46 16.09 2.44
CA GLN G 43 -40.74 16.03 1.72
C GLN G 43 -40.45 15.84 0.22
N LEU G 44 -39.52 16.60 -0.34
CA LEU G 44 -39.19 16.44 -1.78
C LEU G 44 -38.60 15.07 -2.13
N ALA G 45 -37.72 14.58 -1.26
CA ALA G 45 -37.15 13.24 -1.45
C ALA G 45 -38.25 12.18 -1.46
N MSE G 46 -39.22 12.33 -0.58
CA MSE G 46 -40.36 11.41 -0.52
C MSE G 46 -41.21 11.57 -1.77
O MSE G 46 -41.58 10.58 -2.38
CB MSE G 46 -41.20 11.67 0.73
CG MSE G 46 -42.49 10.86 0.85
SE MSE G 46 -43.40 11.02 2.57
CE MSE G 46 -42.21 9.93 3.62
N ILE G 47 -41.51 12.81 -2.13
CA ILE G 47 -42.29 13.08 -3.33
C ILE G 47 -41.67 12.49 -4.60
N ASN G 48 -40.37 12.68 -4.79
CA ASN G 48 -39.69 12.17 -5.98
C ASN G 48 -39.59 10.63 -6.01
N VAL G 49 -39.40 10.01 -4.85
CA VAL G 49 -39.44 8.56 -4.78
C VAL G 49 -40.83 8.06 -5.22
N ILE G 50 -41.89 8.75 -4.81
CA ILE G 50 -43.26 8.36 -5.19
C ILE G 50 -43.56 8.65 -6.67
N TYR G 51 -42.97 9.71 -7.22
CA TYR G 51 -43.15 10.05 -8.62
C TYR G 51 -42.58 8.96 -9.55
N SER G 52 -41.45 8.37 -9.17
CA SER G 52 -40.83 7.31 -9.95
C SER G 52 -41.23 5.89 -9.55
N THR G 53 -42.07 5.73 -8.53
CA THR G 53 -42.55 4.42 -8.08
C THR G 53 -44.00 4.54 -7.63
N PRO G 54 -44.91 4.87 -8.56
CA PRO G 54 -46.31 4.97 -8.16
C PRO G 54 -46.83 3.67 -7.62
N GLY G 55 -47.64 3.75 -6.58
CA GLY G 55 -48.16 2.57 -5.93
C GLY G 55 -47.26 2.06 -4.82
N ILE G 56 -46.12 2.72 -4.60
CA ILE G 56 -45.20 2.28 -3.55
C ILE G 56 -45.91 2.26 -2.20
N SER G 57 -45.53 1.30 -1.36
CA SER G 57 -46.08 1.18 -0.02
C SER G 57 -45.29 2.08 0.94
N VAL G 58 -45.92 2.45 2.05
CA VAL G 58 -45.28 3.25 3.07
C VAL G 58 -44.09 2.47 3.64
N ALA G 59 -44.24 1.15 3.77
CA ALA G 59 -43.17 0.29 4.26
C ALA G 59 -41.91 0.39 3.42
N ASP G 60 -42.06 0.32 2.10
CA ASP G 60 -40.93 0.35 1.17
C ASP G 60 -40.35 1.75 1.03
N LEU G 61 -41.22 2.75 1.11
CA LEU G 61 -40.85 4.16 1.04
C LEU G 61 -39.90 4.52 2.17
N THR G 62 -40.23 4.04 3.35
CA THR G 62 -39.43 4.21 4.55
C THR G 62 -38.03 3.63 4.39
N LYS G 63 -37.95 2.42 3.84
CA LYS G 63 -36.66 1.75 3.61
C LYS G 63 -35.86 2.42 2.50
N ARG G 64 -36.59 2.90 1.49
CA ARG G 64 -35.99 3.61 0.37
C ARG G 64 -35.36 4.95 0.80
N LEU G 65 -36.02 5.63 1.75
CA LEU G 65 -35.56 6.93 2.25
C LEU G 65 -34.60 6.80 3.42
N ILE G 66 -34.46 5.57 3.94
CA ILE G 66 -33.56 5.26 5.06
C ILE G 66 -33.99 6.07 6.30
N ILE G 67 -35.29 6.15 6.51
CA ILE G 67 -35.87 6.91 7.62
C ILE G 67 -36.66 5.95 8.52
N THR G 68 -37.23 6.47 9.61
CA THR G 68 -37.97 5.66 10.56
C THR G 68 -39.42 5.52 10.14
N GLY G 69 -40.05 4.42 10.54
CA GLY G 69 -41.46 4.16 10.24
C GLY G 69 -42.45 5.07 10.95
N SER G 70 -41.94 6.02 11.74
CA SER G 70 -42.74 7.00 12.42
C SER G 70 -42.59 8.37 11.76
N SER G 71 -41.37 8.69 11.33
CA SER G 71 -41.12 9.96 10.64
C SER G 71 -41.69 9.89 9.22
N ALA G 72 -41.66 8.69 8.63
CA ALA G 72 -42.21 8.49 7.28
C ALA G 72 -43.74 8.59 7.35
N ALA G 73 -44.33 7.94 8.34
CA ALA G 73 -45.79 8.00 8.54
C ALA G 73 -46.25 9.43 8.82
N ALA G 74 -45.46 10.18 9.59
CA ALA G 74 -45.77 11.58 9.88
C ALA G 74 -45.67 12.45 8.62
N ASN G 75 -44.61 12.23 7.84
CA ASN G 75 -44.42 12.95 6.58
C ASN G 75 -45.46 12.60 5.53
N VAL G 76 -45.89 11.35 5.48
CA VAL G 76 -46.91 10.92 4.53
C VAL G 76 -48.22 11.62 4.85
N ASP G 77 -48.56 11.71 6.13
CA ASP G 77 -49.80 12.33 6.57
C ASP G 77 -49.87 13.79 6.13
N GLY G 78 -48.76 14.49 6.28
CA GLY G 78 -48.64 15.87 5.87
C GLY G 78 -48.73 16.05 4.37
N LEU G 79 -48.16 15.13 3.59
CA LEU G 79 -48.24 15.23 2.14
C LEU G 79 -49.67 14.97 1.68
N ILE G 80 -50.40 14.15 2.41
CA ILE G 80 -51.80 13.90 2.10
C ILE G 80 -52.61 15.12 2.49
N SER G 81 -52.27 15.76 3.62
CA SER G 81 -52.96 17.00 4.08
C SER G 81 -52.85 18.12 3.03
N LEU G 82 -51.67 18.23 2.42
CA LEU G 82 -51.38 19.23 1.39
C LEU G 82 -51.91 18.86 0.02
N GLY G 83 -52.45 17.65 -0.14
CA GLY G 83 -52.97 17.20 -1.42
C GLY G 83 -51.89 16.92 -2.44
N LEU G 84 -50.72 16.50 -1.96
CA LEU G 84 -49.61 16.18 -2.83
C LEU G 84 -49.54 14.69 -3.19
N VAL G 85 -50.09 13.83 -2.35
CA VAL G 85 -50.15 12.39 -2.62
C VAL G 85 -51.54 11.91 -2.32
N VAL G 86 -51.93 10.80 -2.93
CA VAL G 86 -53.24 10.22 -2.72
C VAL G 86 -53.11 8.75 -2.32
N LYS G 87 -54.05 8.28 -1.49
CA LYS G 87 -54.05 6.90 -1.02
C LYS G 87 -54.70 6.01 -2.09
N LEU G 88 -54.13 4.82 -2.29
CA LEU G 88 -54.67 3.86 -3.25
C LEU G 88 -55.36 2.69 -2.54
N SER G 96 -50.11 3.30 8.85
CA SER G 96 -50.28 2.02 8.15
C SER G 96 -49.16 1.79 7.16
N MSE G 97 -48.28 0.84 7.48
CA MSE G 97 -47.13 0.53 6.62
C MSE G 97 -47.50 -0.12 5.28
O MSE G 97 -46.71 -0.07 4.34
CB MSE G 97 -46.13 -0.34 7.39
CG MSE G 97 -45.48 0.39 8.56
SE MSE G 97 -44.10 1.66 7.99
CE MSE G 97 -42.61 0.40 7.82
N ASP G 98 -48.69 -0.72 5.20
CA ASP G 98 -49.17 -1.38 3.98
C ASP G 98 -49.87 -0.41 3.01
N LEU G 99 -50.11 0.82 3.46
CA LEU G 99 -50.72 1.87 2.65
C LEU G 99 -49.90 2.15 1.36
N THR G 100 -50.57 2.26 0.22
CA THR G 100 -49.92 2.53 -1.06
C THR G 100 -50.27 3.93 -1.59
N LEU G 101 -49.29 4.58 -2.24
CA LEU G 101 -49.47 5.97 -2.66
C LEU G 101 -49.03 6.31 -4.08
N LYS G 102 -49.66 7.35 -4.63
CA LYS G 102 -49.21 7.98 -5.89
C LYS G 102 -49.33 9.49 -5.71
N LEU G 103 -48.66 10.26 -6.54
CA LEU G 103 -48.75 11.70 -6.44
C LEU G 103 -50.02 12.19 -7.07
N SER G 104 -50.47 13.35 -6.63
CA SER G 104 -51.64 13.99 -7.24
C SER G 104 -51.04 14.82 -8.36
N LYS G 105 -51.85 15.59 -9.07
CA LYS G 105 -51.30 16.40 -10.16
C LYS G 105 -50.38 17.49 -9.60
N LYS G 106 -50.79 18.07 -8.47
CA LYS G 106 -50.07 19.11 -7.78
C LYS G 106 -48.72 18.57 -7.30
N GLY G 107 -48.72 17.33 -6.82
CA GLY G 107 -47.48 16.68 -6.42
C GLY G 107 -46.52 16.46 -7.58
N GLU G 108 -47.04 16.11 -8.76
CA GLU G 108 -46.19 15.95 -9.95
C GLU G 108 -45.53 17.29 -10.31
N ASP G 109 -46.34 18.35 -10.38
CA ASP G 109 -45.86 19.73 -10.65
C ASP G 109 -44.67 20.14 -9.78
N LEU G 110 -44.84 19.97 -8.48
CA LEU G 110 -43.81 20.35 -7.55
C LEU G 110 -42.60 19.44 -7.72
N SER G 111 -42.86 18.19 -8.08
CA SER G 111 -41.77 17.26 -8.34
C SER G 111 -40.98 17.73 -9.58
N LYS G 112 -41.69 18.16 -10.63
CA LYS G 112 -41.06 18.65 -11.85
C LYS G 112 -40.20 19.90 -11.58
N ARG G 113 -40.71 20.82 -10.76
CA ARG G 113 -39.96 22.03 -10.41
C ARG G 113 -38.75 21.76 -9.50
N SER G 114 -38.74 20.64 -8.78
CA SER G 114 -37.57 20.30 -7.94
C SER G 114 -36.41 19.78 -8.79
N THR G 115 -36.74 19.13 -9.90
CA THR G 115 -35.73 18.60 -10.82
C THR G 115 -35.22 19.72 -11.72
N ALA G 116 -36.14 20.51 -12.28
CA ALA G 116 -35.79 21.66 -13.09
C ALA G 116 -35.66 22.81 -12.10
N ASN G 117 -34.51 22.87 -11.42
CA ASN G 117 -34.26 23.88 -10.40
C ASN G 117 -34.00 25.27 -10.99
N ALA G 118 -35.02 26.13 -10.98
CA ALA G 118 -34.91 27.49 -11.53
C ALA G 118 -33.75 28.33 -10.96
N PHE G 119 -33.43 28.15 -9.68
CA PHE G 119 -32.35 28.90 -9.05
C PHE G 119 -30.99 28.45 -9.60
N MSE G 120 -30.85 27.15 -9.85
CA MSE G 120 -29.64 26.62 -10.43
C MSE G 120 -29.47 27.07 -11.88
O MSE G 120 -28.36 27.33 -12.30
CB MSE G 120 -29.63 25.10 -10.41
CG MSE G 120 -28.31 24.51 -10.93
SE MSE G 120 -26.79 24.84 -9.72
CE MSE G 120 -27.39 23.47 -8.80
N TYR G 121 -30.55 27.06 -12.65
CA TYR G 121 -30.51 27.53 -14.02
C TYR G 121 -30.08 28.97 -14.09
N LYS G 122 -30.64 29.83 -13.24
CA LYS G 122 -30.25 31.24 -13.26
C LYS G 122 -28.76 31.39 -12.86
N ALA G 123 -28.30 30.65 -11.87
CA ALA G 123 -26.89 30.73 -11.48
C ALA G 123 -25.99 30.30 -12.63
N MSE G 124 -26.38 29.23 -13.31
CA MSE G 124 -25.60 28.66 -14.40
C MSE G 124 -25.67 29.56 -15.63
O MSE G 124 -24.70 29.68 -16.36
CB MSE G 124 -26.07 27.24 -14.68
CG MSE G 124 -25.07 26.39 -15.37
SE MSE G 124 -23.44 26.15 -14.33
CE MSE G 124 -24.08 25.35 -12.94
N MSE G 125 -26.81 30.20 -15.86
CA MSE G 125 -26.94 31.15 -16.96
C MSE G 125 -25.92 32.30 -16.80
O MSE G 125 -25.36 32.78 -17.77
CB MSE G 125 -28.36 31.72 -17.00
CG MSE G 125 -28.62 32.60 -18.20
SE MSE G 125 -28.54 31.58 -19.87
CE MSE G 125 -30.34 30.76 -19.82
N LYS G 126 -25.69 32.72 -15.55
CA LYS G 126 -24.71 33.76 -15.25
C LYS G 126 -23.28 33.25 -15.43
N VAL G 127 -23.04 31.97 -15.14
CA VAL G 127 -21.74 31.38 -15.39
C VAL G 127 -21.51 31.40 -16.92
N PHE G 128 -22.55 31.04 -17.67
CA PHE G 128 -22.46 30.96 -19.12
C PHE G 128 -22.15 32.33 -19.77
N GLU G 129 -22.58 33.42 -19.12
CA GLU G 129 -22.26 34.76 -19.61
C GLU G 129 -20.75 35.04 -19.61
N ASN G 130 -20.01 34.33 -18.77
CA ASN G 130 -18.57 34.46 -18.60
C ASN G 130 -17.75 33.36 -19.24
N LEU G 131 -18.38 32.55 -20.09
CA LEU G 131 -17.71 31.47 -20.78
C LEU G 131 -17.91 31.73 -22.28
N THR G 132 -16.96 31.29 -23.10
CA THR G 132 -17.10 31.43 -24.55
C THR G 132 -17.99 30.29 -25.06
N GLU G 133 -18.47 30.42 -26.28
CA GLU G 133 -19.34 29.40 -26.84
C GLU G 133 -18.55 28.11 -27.02
N ASN G 134 -17.28 28.21 -27.37
CA ASN G 134 -16.43 27.03 -27.49
C ASN G 134 -16.15 26.37 -26.14
N GLU G 135 -16.05 27.17 -25.08
CA GLU G 135 -15.82 26.61 -23.72
C GLU G 135 -17.08 25.89 -23.24
N ILE G 136 -18.24 26.46 -23.51
CA ILE G 136 -19.48 25.81 -23.17
C ILE G 136 -19.56 24.44 -23.85
N GLU G 137 -19.30 24.39 -25.16
CA GLU G 137 -19.32 23.14 -25.94
C GLU G 137 -18.34 22.09 -25.45
N GLU G 138 -17.11 22.51 -25.17
CA GLU G 138 -16.12 21.57 -24.63
C GLU G 138 -16.46 21.08 -23.23
N LEU G 139 -17.01 21.94 -22.39
CA LEU G 139 -17.37 21.56 -21.02
C LEU G 139 -18.45 20.49 -21.05
N ILE G 140 -19.46 20.68 -21.89
CA ILE G 140 -20.48 19.67 -21.99
C ILE G 140 -19.89 18.38 -22.59
N ARG G 141 -18.99 18.48 -23.57
CA ARG G 141 -18.43 17.30 -24.24
C ARG G 141 -17.46 16.54 -23.36
N LEU G 142 -16.60 17.24 -22.64
CA LEU G 142 -15.63 16.58 -21.77
C LEU G 142 -16.35 15.94 -20.57
N ASN G 143 -17.20 16.69 -19.87
CA ASN G 143 -17.98 16.08 -18.78
C ASN G 143 -18.85 14.87 -19.25
N LYS G 144 -19.48 14.96 -20.41
CA LYS G 144 -20.23 13.82 -20.95
C LYS G 144 -19.31 12.63 -21.20
N LYS G 145 -18.06 12.88 -21.58
CA LYS G 145 -17.14 11.80 -21.84
C LYS G 145 -16.72 11.14 -20.53
N VAL G 146 -16.55 11.94 -19.48
CA VAL G 146 -16.23 11.39 -18.18
C VAL G 146 -17.41 10.54 -17.71
N GLU G 147 -18.64 11.04 -17.85
CA GLU G 147 -19.82 10.30 -17.47
C GLU G 147 -19.91 8.96 -18.20
N THR G 148 -19.64 8.95 -19.50
CA THR G 148 -19.73 7.75 -20.31
C THR G 148 -18.65 6.73 -19.95
N LEU G 149 -17.41 7.20 -19.81
CA LEU G 149 -16.29 6.32 -19.46
C LEU G 149 -16.48 5.67 -18.10
N LEU G 150 -16.99 6.43 -17.12
CA LEU G 150 -17.30 5.89 -15.78
C LEU G 150 -18.30 4.73 -15.85
N LYS G 151 -19.35 4.88 -16.67
CA LYS G 151 -20.35 3.84 -16.85
C LYS G 151 -19.83 2.58 -17.59
N LYS G 152 -18.64 2.65 -18.17
CA LYS G 152 -17.99 1.53 -18.84
C LYS G 152 -16.79 1.05 -18.02
N VAL H 3 -24.76 20.57 -29.77
CA VAL H 3 -24.37 21.59 -28.73
C VAL H 3 -24.34 22.98 -29.34
N GLY H 4 -23.85 23.09 -30.58
CA GLY H 4 -23.86 24.37 -31.32
C GLY H 4 -25.29 24.74 -31.74
N ILE H 5 -26.16 23.74 -31.81
CA ILE H 5 -27.57 23.98 -32.18
C ILE H 5 -28.45 24.22 -30.95
N ASN H 6 -27.96 23.83 -29.78
CA ASN H 6 -28.65 23.98 -28.52
C ASN H 6 -28.68 25.40 -28.03
N THR H 7 -29.75 25.72 -27.30
CA THR H 7 -29.93 27.01 -26.67
C THR H 7 -29.14 26.98 -25.38
N ASP H 8 -28.98 28.14 -24.75
CA ASP H 8 -28.31 28.20 -23.46
C ASP H 8 -29.02 27.25 -22.50
N THR H 9 -30.36 27.28 -22.53
CA THR H 9 -31.19 26.44 -21.68
C THR H 9 -30.95 24.93 -21.86
N GLU H 10 -30.86 24.46 -23.11
CA GLU H 10 -30.61 23.04 -23.37
C GLU H 10 -29.22 22.65 -22.94
N ASN H 11 -28.26 23.53 -23.18
CA ASN H 11 -26.88 23.28 -22.76
C ASN H 11 -26.72 23.22 -21.24
N ILE H 12 -27.39 24.14 -20.54
CA ILE H 12 -27.43 24.14 -19.09
C ILE H 12 -28.08 22.83 -18.59
N SER H 13 -29.21 22.45 -19.19
CA SER H 13 -29.87 21.20 -18.80
C SER H 13 -28.96 19.97 -18.98
N GLU H 14 -28.22 19.91 -20.08
CA GLU H 14 -27.31 18.79 -20.37
C GLU H 14 -26.13 18.78 -19.42
N LEU H 15 -25.61 19.96 -19.09
CA LEU H 15 -24.48 20.02 -18.18
C LEU H 15 -24.91 19.58 -16.78
N LEU H 16 -26.06 20.06 -16.33
CA LEU H 16 -26.61 19.71 -15.03
C LEU H 16 -26.97 18.23 -14.94
N LYS H 17 -27.58 17.66 -15.98
CA LYS H 17 -27.84 16.22 -16.00
C LYS H 17 -26.52 15.43 -15.93
N THR H 18 -25.48 15.89 -16.64
CA THR H 18 -24.18 15.24 -16.61
C THR H 18 -23.53 15.30 -15.25
N TYR H 19 -23.56 16.47 -14.62
CA TYR H 19 -23.00 16.58 -13.27
C TYR H 19 -23.76 15.69 -12.29
N TRP H 20 -25.08 15.61 -12.46
CA TRP H 20 -25.90 14.78 -11.60
C TRP H 20 -25.55 13.30 -11.79
N SER H 21 -25.41 12.87 -13.03
CA SER H 21 -25.04 11.50 -13.32
C SER H 21 -23.67 11.12 -12.73
N ILE H 22 -22.66 11.98 -12.88
CA ILE H 22 -21.33 11.78 -12.27
C ILE H 22 -21.41 11.67 -10.74
N GLN H 23 -22.23 12.49 -10.11
CA GLN H 23 -22.35 12.44 -8.66
C GLN H 23 -23.11 11.18 -8.22
N ARG H 24 -24.07 10.72 -9.02
CA ARG H 24 -24.76 9.46 -8.73
C ARG H 24 -23.78 8.28 -8.79
N ILE H 25 -22.83 8.32 -9.74
CA ILE H 25 -21.81 7.28 -9.90
C ILE H 25 -20.78 7.41 -8.79
N SER H 26 -20.44 8.65 -8.45
CA SER H 26 -19.50 8.89 -7.37
C SER H 26 -20.06 8.38 -6.05
N ALA H 27 -21.34 8.63 -5.79
CA ALA H 27 -21.99 8.17 -4.57
C ALA H 27 -21.83 6.67 -4.43
N GLY H 28 -22.06 5.95 -5.52
CA GLY H 28 -21.89 4.50 -5.56
C GLY H 28 -20.49 4.11 -5.13
N TYR H 29 -19.48 4.83 -5.61
CA TYR H 29 -18.11 4.55 -5.22
C TYR H 29 -17.87 4.96 -3.77
N ALA H 30 -18.61 5.94 -3.28
CA ALA H 30 -18.52 6.36 -1.90
C ALA H 30 -19.12 5.27 -1.00
N ASP H 31 -20.11 4.51 -1.49
CA ASP H 31 -20.66 3.38 -0.75
C ASP H 31 -19.57 2.35 -0.56
N GLN H 32 -18.85 2.04 -1.64
CA GLN H 32 -17.80 1.02 -1.60
C GLN H 32 -16.66 1.40 -0.69
N ASN H 33 -16.28 2.67 -0.67
CA ASN H 33 -15.19 3.11 0.22
C ASN H 33 -15.65 2.95 1.68
N ALA H 34 -16.88 3.37 1.96
CA ALA H 34 -17.45 3.26 3.29
C ALA H 34 -17.53 1.77 3.71
N ALA H 35 -18.12 0.95 2.85
CA ALA H 35 -18.24 -0.49 3.12
C ALA H 35 -16.90 -1.13 3.45
N SER H 36 -15.84 -0.72 2.76
CA SER H 36 -14.51 -1.28 2.99
C SER H 36 -13.96 -0.86 4.34
N LEU H 37 -14.51 0.22 4.90
CA LEU H 37 -14.15 0.68 6.22
C LEU H 37 -15.07 0.07 7.28
N GLY H 38 -16.11 -0.64 6.84
CA GLY H 38 -17.09 -1.32 7.71
C GLY H 38 -18.28 -0.49 8.11
N LEU H 39 -18.51 0.62 7.43
CA LEU H 39 -19.54 1.56 7.83
C LEU H 39 -20.50 1.85 6.73
N THR H 40 -21.67 2.34 7.11
CA THR H 40 -22.66 2.79 6.18
C THR H 40 -22.23 4.21 5.81
N ILE H 41 -22.82 4.75 4.75
CA ILE H 41 -22.50 6.10 4.29
C ILE H 41 -22.97 7.16 5.32
N GLN H 42 -24.02 6.82 6.06
CA GLN H 42 -24.55 7.67 7.12
C GLN H 42 -23.60 7.67 8.32
N GLN H 43 -23.00 6.52 8.63
CA GLN H 43 -22.02 6.43 9.70
C GLN H 43 -20.76 7.24 9.36
N LEU H 44 -20.35 7.18 8.11
CA LEU H 44 -19.18 7.91 7.67
C LEU H 44 -19.45 9.41 7.61
N ALA H 45 -20.65 9.83 7.24
CA ALA H 45 -20.95 11.26 7.24
C ALA H 45 -20.80 11.82 8.66
N MSE H 46 -21.48 11.19 9.61
CA MSE H 46 -21.43 11.56 11.02
C MSE H 46 -19.99 11.61 11.54
O MSE H 46 -19.60 12.55 12.23
CB MSE H 46 -22.28 10.56 11.84
CG MSE H 46 -22.27 10.70 13.36
SE MSE H 46 -23.60 9.51 14.27
CE MSE H 46 -25.19 10.43 13.87
N ILE H 47 -19.22 10.58 11.21
CA ILE H 47 -17.82 10.54 11.61
C ILE H 47 -17.04 11.72 11.08
N ASN H 48 -17.33 12.11 9.84
CA ASN H 48 -16.65 13.25 9.24
C ASN H 48 -17.10 14.55 9.88
N VAL H 49 -18.41 14.71 10.12
CA VAL H 49 -18.93 15.89 10.82
C VAL H 49 -18.24 16.06 12.17
N ILE H 50 -18.12 14.98 12.94
CA ILE H 50 -17.46 15.02 14.25
C ILE H 50 -15.95 15.29 14.13
N TYR H 51 -15.36 14.86 13.02
CA TYR H 51 -13.93 15.12 12.80
C TYR H 51 -13.69 16.62 12.66
N SER H 52 -14.52 17.26 11.86
CA SER H 52 -14.44 18.70 11.61
C SER H 52 -14.84 19.53 12.83
N THR H 53 -15.87 19.09 13.54
CA THR H 53 -16.44 19.80 14.67
C THR H 53 -16.31 18.99 15.96
N PRO H 54 -15.08 18.85 16.49
CA PRO H 54 -14.96 18.16 17.76
C PRO H 54 -15.68 18.92 18.86
N GLY H 55 -16.27 18.18 19.80
CA GLY H 55 -17.07 18.80 20.87
C GLY H 55 -18.50 19.08 20.45
N ILE H 56 -18.88 18.66 19.24
CA ILE H 56 -20.22 18.90 18.74
C ILE H 56 -21.24 18.14 19.59
N SER H 57 -22.38 18.76 19.83
CA SER H 57 -23.42 18.13 20.62
C SER H 57 -24.23 17.19 19.74
N VAL H 58 -24.86 16.20 20.34
CA VAL H 58 -25.69 15.29 19.59
C VAL H 58 -26.83 16.10 18.94
N ALA H 59 -27.36 17.08 19.66
CA ALA H 59 -28.43 17.94 19.15
C ALA H 59 -28.05 18.65 17.84
N ASP H 60 -26.84 19.19 17.79
CA ASP H 60 -26.34 19.89 16.62
C ASP H 60 -25.91 18.92 15.52
N LEU H 61 -25.35 17.78 15.92
CA LEU H 61 -24.94 16.74 14.97
C LEU H 61 -26.14 16.26 14.18
N THR H 62 -27.22 15.99 14.90
CA THR H 62 -28.49 15.57 14.34
C THR H 62 -29.03 16.55 13.29
N LYS H 63 -29.12 17.82 13.69
CA LYS H 63 -29.63 18.89 12.80
C LYS H 63 -28.74 19.12 11.59
N ARG H 64 -27.45 18.84 11.73
CA ARG H 64 -26.51 19.03 10.64
C ARG H 64 -26.62 17.91 9.61
N LEU H 65 -26.75 16.67 10.09
CA LEU H 65 -26.91 15.49 9.21
C LEU H 65 -28.31 15.45 8.63
N ILE H 66 -29.26 16.06 9.35
CA ILE H 66 -30.68 16.12 8.97
C ILE H 66 -31.36 14.79 9.25
N ILE H 67 -31.13 14.26 10.45
CA ILE H 67 -31.70 12.99 10.86
C ILE H 67 -32.57 13.18 12.09
N THR H 68 -33.20 12.10 12.56
CA THR H 68 -34.01 12.13 13.77
C THR H 68 -33.08 11.99 14.98
N GLY H 69 -33.53 12.42 16.15
CA GLY H 69 -32.74 12.30 17.37
C GLY H 69 -32.51 10.86 17.77
N SER H 70 -33.56 10.05 17.71
CA SER H 70 -33.49 8.63 18.08
C SER H 70 -32.48 7.93 17.20
N SER H 71 -32.53 8.25 15.90
CA SER H 71 -31.63 7.67 14.93
C SER H 71 -30.24 8.24 15.07
N ALA H 72 -30.12 9.50 15.50
CA ALA H 72 -28.82 10.10 15.77
C ALA H 72 -28.25 9.44 17.01
N ALA H 73 -29.07 9.36 18.06
CA ALA H 73 -28.69 8.71 19.30
C ALA H 73 -28.31 7.26 19.06
N ALA H 74 -29.08 6.56 18.24
CA ALA H 74 -28.81 5.17 17.93
C ALA H 74 -27.51 5.04 17.15
N ASN H 75 -27.32 5.90 16.14
CA ASN H 75 -26.09 5.90 15.40
C ASN H 75 -24.90 6.29 16.25
N VAL H 76 -25.11 7.22 17.18
CA VAL H 76 -24.05 7.68 18.08
C VAL H 76 -23.65 6.56 19.00
N ASP H 77 -24.61 5.83 19.55
CA ASP H 77 -24.28 4.69 20.42
C ASP H 77 -23.47 3.67 19.63
N GLY H 78 -23.88 3.40 18.40
CA GLY H 78 -23.15 2.47 17.53
C GLY H 78 -21.70 2.86 17.32
N LEU H 79 -21.44 4.15 17.05
CA LEU H 79 -20.06 4.60 16.86
C LEU H 79 -19.27 4.47 18.14
N ILE H 80 -19.94 4.62 19.29
CA ILE H 80 -19.31 4.44 20.58
C ILE H 80 -19.04 2.96 20.80
N SER H 81 -19.98 2.10 20.43
CA SER H 81 -19.77 0.64 20.56
C SER H 81 -18.59 0.17 19.73
N LEU H 82 -18.36 0.82 18.59
CA LEU H 82 -17.24 0.47 17.72
C LEU H 82 -15.93 1.11 18.10
N GLY H 83 -15.91 1.95 19.13
CA GLY H 83 -14.67 2.60 19.59
C GLY H 83 -14.17 3.70 18.69
N LEU H 84 -15.04 4.25 17.86
CA LEU H 84 -14.69 5.33 16.92
C LEU H 84 -14.95 6.73 17.47
N VAL H 85 -15.91 6.84 18.38
CA VAL H 85 -16.30 8.12 18.98
C VAL H 85 -16.21 8.00 20.48
N VAL H 86 -15.80 9.08 21.16
CA VAL H 86 -15.74 9.08 22.62
CA VAL H 86 -15.68 9.11 22.61
C VAL H 86 -16.59 10.20 23.18
N LYS H 87 -17.16 9.96 24.35
CA LYS H 87 -18.01 10.94 25.01
C LYS H 87 -17.13 11.89 25.80
N LEU H 88 -17.38 13.18 25.65
CA LEU H 88 -16.64 14.19 26.43
C LEU H 88 -17.36 14.48 27.76
N ASN H 89 -18.51 13.85 27.98
CA ASN H 89 -19.28 13.99 29.20
C ASN H 89 -20.30 12.88 29.33
N MSE H 97 -29.14 14.22 23.73
CA MSE H 97 -29.04 15.38 22.83
C MSE H 97 -28.05 16.44 23.34
O MSE H 97 -27.60 17.28 22.56
CB MSE H 97 -30.43 15.99 22.59
CG MSE H 97 -31.35 15.13 21.70
SE MSE H 97 -31.13 15.38 19.73
CE MSE H 97 -31.82 17.27 19.61
N ASP H 98 -27.71 16.39 24.63
CA ASP H 98 -26.73 17.29 25.22
C ASP H 98 -25.32 16.69 25.21
N LEU H 99 -25.22 15.41 24.88
CA LEU H 99 -23.93 14.73 24.82
C LEU H 99 -23.07 15.37 23.76
N THR H 100 -21.78 15.53 24.06
CA THR H 100 -20.82 16.14 23.16
C THR H 100 -19.82 15.06 22.80
N LEU H 101 -19.31 15.12 21.57
CA LEU H 101 -18.49 14.04 21.06
C LEU H 101 -17.23 14.46 20.33
N LYS H 102 -16.25 13.56 20.33
CA LYS H 102 -15.05 13.70 19.53
C LYS H 102 -14.66 12.29 19.10
N LEU H 103 -13.86 12.21 18.04
CA LEU H 103 -13.40 10.91 17.56
C LEU H 103 -12.27 10.39 18.43
N SER H 104 -12.14 9.07 18.45
CA SER H 104 -11.05 8.41 19.15
C SER H 104 -9.92 8.32 18.14
N LYS H 105 -8.76 7.81 18.53
CA LYS H 105 -7.66 7.63 17.59
C LYS H 105 -8.11 6.73 16.44
N LYS H 106 -8.82 5.64 16.74
CA LYS H 106 -9.32 4.73 15.70
CA LYS H 106 -9.32 4.73 15.70
C LYS H 106 -10.26 5.46 14.75
N GLY H 107 -11.11 6.35 15.26
CA GLY H 107 -12.04 7.12 14.41
C GLY H 107 -11.41 8.13 13.47
N GLU H 108 -10.36 8.79 13.95
CA GLU H 108 -9.62 9.73 13.11
C GLU H 108 -8.99 8.96 11.96
N ASP H 109 -8.32 7.83 12.27
CA ASP H 109 -7.72 6.98 11.23
C ASP H 109 -8.70 6.64 10.12
N LEU H 110 -9.87 6.10 10.46
CA LEU H 110 -10.86 5.76 9.43
C LEU H 110 -11.34 6.98 8.70
N SER H 111 -11.45 8.10 9.39
CA SER H 111 -11.89 9.32 8.73
C SER H 111 -10.80 9.68 7.73
N LYS H 112 -9.55 9.69 8.18
CA LYS H 112 -8.41 9.98 7.29
C LYS H 112 -8.31 9.02 6.10
N ARG H 113 -8.71 7.75 6.24
CA ARG H 113 -8.70 6.83 5.08
C ARG H 113 -9.84 7.11 4.13
N SER H 114 -10.95 7.59 4.67
CA SER H 114 -12.10 7.87 3.82
CA SER H 114 -12.13 7.91 3.85
C SER H 114 -11.86 8.97 2.79
N THR H 115 -10.93 9.88 3.08
CA THR H 115 -10.61 10.96 2.13
C THR H 115 -9.99 10.40 0.85
N ALA H 116 -9.03 9.50 1.03
CA ALA H 116 -8.45 8.80 -0.11
C ALA H 116 -9.40 7.67 -0.56
N ASN H 117 -10.46 8.01 -1.29
CA ASN H 117 -11.39 6.98 -1.78
C ASN H 117 -10.76 6.21 -2.93
N ALA H 118 -10.01 5.16 -2.59
CA ALA H 118 -9.34 4.33 -3.58
C ALA H 118 -10.20 3.78 -4.72
N PHE H 119 -11.46 3.49 -4.41
CA PHE H 119 -12.39 2.98 -5.42
C PHE H 119 -12.63 4.04 -6.49
N MSE H 120 -12.84 5.27 -6.05
CA MSE H 120 -13.04 6.41 -6.93
C MSE H 120 -11.78 6.74 -7.74
O MSE H 120 -11.89 7.09 -8.90
CB MSE H 120 -13.41 7.63 -6.10
CG MSE H 120 -13.76 8.85 -6.93
SE MSE H 120 -15.51 8.68 -7.68
CE MSE H 120 -16.36 9.15 -6.17
N TYR H 121 -10.63 6.69 -7.10
CA TYR H 121 -9.38 6.99 -7.80
C TYR H 121 -9.08 5.99 -8.89
N LYS H 122 -9.24 4.70 -8.60
CA LYS H 122 -9.04 3.64 -9.60
C LYS H 122 -9.97 3.88 -10.76
N ALA H 123 -11.21 4.25 -10.46
CA ALA H 123 -12.18 4.51 -11.50
C ALA H 123 -11.80 5.70 -12.34
N MSE H 124 -11.35 6.79 -11.71
CA MSE H 124 -11.04 8.00 -12.48
C MSE H 124 -9.73 7.77 -13.24
O MSE H 124 -9.57 8.32 -14.31
CB MSE H 124 -10.97 9.24 -11.60
CG MSE H 124 -10.97 10.56 -12.39
SE MSE H 124 -12.58 10.80 -13.45
CE MSE H 124 -13.84 10.73 -12.02
N MSE H 125 -8.85 6.94 -12.72
CA MSE H 125 -7.62 6.62 -13.42
C MSE H 125 -7.90 5.89 -14.74
O MSE H 125 -7.24 6.16 -15.73
CB MSE H 125 -6.71 5.79 -12.53
N LYS H 126 -8.90 5.00 -14.75
CA LYS H 126 -9.28 4.32 -15.98
C LYS H 126 -9.98 5.29 -16.94
N VAL H 127 -10.61 6.33 -16.40
CA VAL H 127 -11.23 7.34 -17.25
C VAL H 127 -10.13 8.09 -17.99
N PHE H 128 -9.09 8.46 -17.26
CA PHE H 128 -7.97 9.26 -17.78
C PHE H 128 -7.14 8.56 -18.86
N GLU H 129 -6.91 7.26 -18.71
CA GLU H 129 -6.23 6.45 -19.73
C GLU H 129 -6.97 6.53 -21.06
N ASN H 130 -8.25 6.88 -20.96
CA ASN H 130 -9.11 7.08 -22.11
C ASN H 130 -9.40 8.54 -22.42
N LEU H 131 -8.51 9.42 -21.98
CA LEU H 131 -8.58 10.83 -22.31
C LEU H 131 -7.22 11.27 -22.80
N THR H 132 -7.21 12.27 -23.68
CA THR H 132 -5.96 12.80 -24.22
C THR H 132 -5.46 13.78 -23.17
N GLU H 133 -4.17 14.05 -23.15
CA GLU H 133 -3.62 15.02 -22.21
C GLU H 133 -4.31 16.37 -22.41
N ASN H 134 -4.46 16.82 -23.64
CA ASN H 134 -5.17 18.07 -23.86
C ASN H 134 -6.56 18.09 -23.26
N GLU H 135 -7.25 16.96 -23.34
CA GLU H 135 -8.62 16.81 -22.82
C GLU H 135 -8.59 16.88 -21.30
N ILE H 136 -7.66 16.19 -20.68
CA ILE H 136 -7.54 16.21 -19.24
C ILE H 136 -7.26 17.63 -18.74
N GLU H 137 -6.38 18.37 -19.42
CA GLU H 137 -6.01 19.72 -19.00
C GLU H 137 -7.23 20.63 -19.16
N GLU H 138 -7.94 20.47 -20.26
CA GLU H 138 -9.13 21.28 -20.48
C GLU H 138 -10.28 20.99 -19.49
N LEU H 139 -10.56 19.72 -19.24
CA LEU H 139 -11.61 19.31 -18.30
C LEU H 139 -11.37 19.93 -16.92
N ILE H 140 -10.16 19.83 -16.42
CA ILE H 140 -9.78 20.43 -15.12
C ILE H 140 -9.93 21.94 -15.12
N ARG H 141 -9.55 22.60 -16.21
CA ARG H 141 -9.61 24.05 -16.28
C ARG H 141 -11.02 24.57 -16.41
N LEU H 142 -11.80 23.92 -17.26
CA LEU H 142 -13.18 24.32 -17.52
C LEU H 142 -14.14 24.07 -16.34
N ASN H 143 -13.91 23.00 -15.59
CA ASN H 143 -14.68 22.75 -14.37
C ASN H 143 -14.22 23.70 -13.26
N LYS H 144 -12.91 23.93 -13.10
CA LYS H 144 -12.43 24.92 -12.14
C LYS H 144 -13.02 26.30 -12.43
N LYS H 145 -13.27 26.63 -13.70
CA LYS H 145 -13.80 27.91 -14.11
C LYS H 145 -15.29 28.06 -13.76
N VAL H 146 -16.01 26.95 -13.87
CA VAL H 146 -17.41 26.90 -13.48
C VAL H 146 -17.47 27.10 -11.96
N GLU H 147 -16.74 26.29 -11.23
CA GLU H 147 -16.67 26.40 -9.78
C GLU H 147 -16.36 27.83 -9.34
N THR H 148 -15.31 28.42 -9.90
CA THR H 148 -14.91 29.79 -9.54
C THR H 148 -16.00 30.80 -9.84
N LEU H 149 -16.60 30.72 -11.02
CA LEU H 149 -17.68 31.62 -11.40
C LEU H 149 -18.91 31.46 -10.51
N LEU H 150 -19.29 30.22 -10.19
CA LEU H 150 -20.41 29.95 -9.30
C LEU H 150 -20.17 30.62 -7.94
N LYS H 151 -18.93 30.58 -7.45
CA LYS H 151 -18.59 31.21 -6.18
C LYS H 151 -18.64 32.75 -6.24
N LYS H 152 -18.44 33.32 -7.43
CA LYS H 152 -18.55 34.77 -7.59
C LYS H 152 -19.98 35.10 -7.99
#